data_8Z21
#
_entry.id   8Z21
#
loop_
_entity.id
_entity.type
_entity.pdbx_description
1 polymer 'Oligopeptide transport system permease protein OppB'
2 polymer 'Oligopeptide transport system permease protein OppC'
3 polymer 'Oligopeptide transport ATP-binding protein OppD'
4 polymer 'Oligopeptide transport ATP-binding protein OppF'
5 non-polymer 'IRON/SULFUR CLUSTER'
#
loop_
_entity_poly.entity_id
_entity_poly.type
_entity_poly.pdbx_seq_one_letter_code
_entity_poly.pdbx_strand_id
1 'polypeptide(L)'
;MLKFILRRCLEAIPTLFILITISFFMMRLAPGSPFTGERTLPPEVMANIEAKYHLNDPIMTQYFSYLKQLAHGDFGPSFK
YKDYSVNDLVASSFPVSAKLGAAAFFLAVILGVSAGVIAALKQNTKWDYTVMGLAMTGVVIPSFVVAPLLVMIFAIILHW
LPGGGWNGGALKFMILPMVALSLAYIASIARITRGSMIEVLHSNFIRTARAKGLPMRRIILRHALKPALLPVLSYMGPAF
VGIITGSMVIETIYGLPGIGQLFVNGALNRDYSLVLSLTILVGALTILFNAIVDVLYAVIDPKIRY
;
A
2 'polypeptide(L)'
;MMLSKKNSETLENFSEKLEVEGRSLWQDARRRFMHNRAAVASLIVLVLIALFVILAPMLSQFAYDDTDWAMMSSAPDMES
GHYFGTDSSGRDLLVRVAIGGRISLMVGVAAALVAVVVGTLYGSLSGYLGGKVDSVMMRLLEILNSFPFMFFVILLVTFF
GQNILLIFVAIGMVSWLDMARIVRGQTLSLKRKEFIEAAQVGGVSTSGIVIRHIVPNVLGVVVVYASLLVPSMILFESFL
SFLGLGTQEPLSSWGALLSDGANSMEVSPWLLLFPAGFLVVTLFCFNFIGDGLRDALDPKDR
;
B
3 'polypeptide(L)'
;MSVIETATVPLAQQQADALLNVKDLRVTFSTPDGDVTAVNDLNFSLRAGETLGIVGESGSGKSQTAFALMGLLAANGRIG
GSATFNGREILNLPEHELNKLRAEQISMIFQDPMTSLNPYMRVGEQLMEVLMLHKNMSKAEAFEESVRMLDAVKMPEARK
RMKMYPHEFSGGMRQRVMIAMALLCRPKLLIADEPTTALDVTVQAQIMTLLNELKREFNTAIIMITHDLVVVAGICDKVL
VMYAGRTMEYGNARDVFYQPVHPYSIGLLNAVPRLDAEGETMLTIPGNPPNLLRLPKGCPFQPRCPHAMEICSSAPPLEE
FTPGRLRACFKPVEEL
;
C
4 'polypeptide(L)'
;MNAVTEGRKVLLEIADLKVHFEIKDGKQWFWQPPKTLKAVDGVTLRLYEGETLGVVGESGCGKSTFARAIIGLVKATDGH
VAWLGKELLGMKPDEWRAVRSDIQMIFQDPLASLNPRMTIGEIIAEPLRTYHPKMSRQEVRERVKAMMLKVGLLPNLINR
YPHEFSGGQCQRIGIARALILEPKLIICDEPVSALDVSIQAQVVNLLQQLQREMGLSLIFIAHDLAVVKHISDRVLVMYL
GHAVELGTYDEVYHNPLHPYTRALMSAVPIPDPDLEKNKTIQLLEGELPSPINPPSGCVFRTRCPIAGPECAKTRPVLEG
SFRHSVSCLKVDP
;
D
#
# COMPACT_ATOMS: atom_id res chain seq x y z
N LEU A 2 9.25 -23.55 11.77
CA LEU A 2 10.62 -24.12 11.68
C LEU A 2 11.46 -23.54 10.55
N LYS A 3 11.05 -23.67 9.28
CA LYS A 3 11.88 -23.31 8.10
C LYS A 3 12.43 -21.87 8.13
N PHE A 4 11.68 -20.93 8.70
CA PHE A 4 12.08 -19.53 8.88
C PHE A 4 13.29 -19.36 9.79
N ILE A 5 13.32 -20.04 10.95
CA ILE A 5 14.46 -20.01 11.88
C ILE A 5 15.76 -20.43 11.19
N LEU A 6 15.71 -21.54 10.44
CA LEU A 6 16.84 -22.04 9.68
C LEU A 6 17.29 -21.05 8.60
N ARG A 7 16.37 -20.45 7.84
CA ARG A 7 16.70 -19.47 6.81
C ARG A 7 17.40 -18.23 7.39
N ARG A 8 16.93 -17.71 8.53
CA ARG A 8 17.60 -16.62 9.26
C ARG A 8 19.00 -17.00 9.72
N CYS A 9 19.19 -18.17 10.33
CA CYS A 9 20.51 -18.61 10.78
C CYS A 9 21.51 -18.75 9.62
N LEU A 10 21.11 -19.36 8.50
CA LEU A 10 21.97 -19.52 7.31
C LEU A 10 22.30 -18.18 6.61
N GLU A 11 21.58 -17.10 6.90
CA GLU A 11 21.90 -15.74 6.43
C GLU A 11 22.72 -14.94 7.46
N ALA A 12 22.44 -15.10 8.75
CA ALA A 12 23.14 -14.41 9.83
C ALA A 12 24.61 -14.81 9.97
N ILE A 13 24.92 -16.11 9.87
CA ILE A 13 26.30 -16.62 9.98
C ILE A 13 27.24 -16.04 8.92
N PRO A 14 26.95 -16.09 7.60
CA PRO A 14 27.83 -15.49 6.61
C PRO A 14 27.83 -13.96 6.69
N THR A 15 26.74 -13.34 7.15
CA THR A 15 26.70 -11.88 7.38
C THR A 15 27.76 -11.43 8.38
N LEU A 16 27.86 -12.11 9.53
CA LEU A 16 28.87 -11.82 10.53
C LEU A 16 30.29 -12.12 10.00
N PHE A 17 30.47 -13.19 9.23
CA PHE A 17 31.78 -13.52 8.65
C PHE A 17 32.25 -12.49 7.63
N ILE A 18 31.35 -11.93 6.82
CA ILE A 18 31.67 -10.81 5.91
C ILE A 18 32.09 -9.56 6.69
N LEU A 19 31.39 -9.23 7.78
CA LEU A 19 31.76 -8.10 8.66
C LEU A 19 33.14 -8.29 9.30
N ILE A 20 33.44 -9.48 9.81
CA ILE A 20 34.77 -9.79 10.35
C ILE A 20 35.83 -9.64 9.27
N THR A 21 35.56 -10.14 8.06
CA THR A 21 36.52 -10.15 6.95
C THR A 21 36.84 -8.75 6.43
N ILE A 22 35.84 -7.91 6.13
CA ILE A 22 36.10 -6.53 5.71
C ILE A 22 36.81 -5.75 6.82
N SER A 23 36.38 -5.89 8.07
CA SER A 23 36.95 -5.12 9.17
C SER A 23 38.41 -5.51 9.48
N PHE A 24 38.77 -6.79 9.38
CA PHE A 24 40.18 -7.20 9.53
C PHE A 24 41.06 -6.63 8.41
N PHE A 25 40.70 -6.85 7.13
CA PHE A 25 41.53 -6.36 6.05
C PHE A 25 41.61 -4.82 6.02
N MET A 26 40.55 -4.14 6.48
CA MET A 26 40.56 -2.69 6.65
C MET A 26 41.55 -2.20 7.71
N MET A 27 41.80 -2.95 8.78
CA MET A 27 42.89 -2.68 9.74
C MET A 27 44.26 -3.02 9.16
N ARG A 28 44.37 -4.19 8.53
CA ARG A 28 45.64 -4.77 8.07
C ARG A 28 46.25 -4.01 6.88
N LEU A 29 45.45 -3.24 6.15
CA LEU A 29 45.88 -2.40 5.02
C LEU A 29 45.91 -0.89 5.36
N ALA A 30 45.66 -0.49 6.61
CA ALA A 30 45.63 0.92 7.03
C ALA A 30 47.03 1.51 7.31
N PRO A 31 47.23 2.83 7.13
CA PRO A 31 48.45 3.51 7.53
C PRO A 31 48.57 3.58 9.07
N GLY A 32 49.80 3.57 9.59
CA GLY A 32 50.09 3.59 11.03
C GLY A 32 49.83 2.28 11.77
N SER A 33 49.19 1.30 11.13
CA SER A 33 48.84 0.01 11.71
C SER A 33 50.10 -0.81 12.05
N PRO A 34 50.23 -1.42 13.24
CA PRO A 34 51.43 -2.16 13.64
C PRO A 34 51.88 -3.23 12.65
N PHE A 35 50.95 -3.86 11.93
CA PHE A 35 51.26 -4.87 10.91
C PHE A 35 52.10 -4.35 9.73
N THR A 36 52.04 -3.04 9.44
CA THR A 36 52.84 -2.42 8.37
C THR A 36 54.33 -2.30 8.72
N GLY A 37 54.64 -2.32 10.02
CA GLY A 37 56.00 -2.37 10.55
C GLY A 37 56.58 -1.04 11.03
N GLU A 38 55.78 0.03 11.18
CA GLU A 38 56.31 1.32 11.63
C GLU A 38 56.94 1.22 13.02
N ARG A 39 56.41 0.36 13.90
CA ARG A 39 56.96 0.04 15.24
C ARG A 39 57.31 1.28 16.08
N THR A 40 56.51 2.34 15.93
CA THR A 40 56.62 3.57 16.73
C THR A 40 56.01 3.45 18.14
N LEU A 41 55.24 2.39 18.40
CA LEU A 41 54.61 2.14 19.70
C LEU A 41 55.66 1.89 20.80
N PRO A 42 55.37 2.20 22.08
CA PRO A 42 56.24 1.88 23.20
C PRO A 42 56.66 0.39 23.23
N PRO A 43 57.91 0.06 23.57
CA PRO A 43 58.41 -1.33 23.56
C PRO A 43 57.56 -2.30 24.38
N GLU A 44 57.07 -1.85 25.53
CA GLU A 44 56.23 -2.66 26.42
C GLU A 44 54.90 -3.07 25.77
N VAL A 45 54.37 -2.26 24.84
CA VAL A 45 53.16 -2.58 24.07
C VAL A 45 53.50 -3.50 22.91
N MET A 46 54.60 -3.25 22.19
CA MET A 46 55.03 -4.11 21.08
C MET A 46 55.35 -5.53 21.56
N ALA A 47 55.93 -5.68 22.74
CA ALA A 47 56.21 -6.98 23.34
C ALA A 47 54.93 -7.79 23.59
N ASN A 48 53.80 -7.11 23.83
CA ASN A 48 52.48 -7.73 23.97
C ASN A 48 51.85 -8.06 22.60
N ILE A 49 51.96 -7.16 21.62
CA ILE A 49 51.47 -7.37 20.24
C ILE A 49 52.15 -8.58 19.58
N GLU A 50 53.48 -8.60 19.56
CA GLU A 50 54.25 -9.64 18.86
C GLU A 50 54.15 -11.03 19.52
N ALA A 51 53.64 -11.11 20.76
CA ALA A 51 53.36 -12.37 21.43
C ALA A 51 52.05 -13.04 20.97
N LYS A 52 51.12 -12.29 20.38
CA LYS A 52 49.82 -12.80 19.88
C LYS A 52 49.66 -12.72 18.37
N TYR A 53 50.30 -11.76 17.71
CA TYR A 53 50.31 -11.63 16.24
C TYR A 53 51.70 -11.88 15.64
N HIS A 54 51.77 -12.80 14.67
CA HIS A 54 52.97 -13.08 13.88
C HIS A 54 53.14 -12.02 12.78
N LEU A 55 53.73 -10.87 13.11
CA LEU A 55 53.79 -9.69 12.22
C LEU A 55 54.48 -9.93 10.87
N ASN A 56 55.33 -10.96 10.74
CA ASN A 56 56.07 -11.26 9.51
C ASN A 56 55.34 -12.19 8.52
N ASP A 57 54.33 -12.96 8.96
CA ASP A 57 53.71 -14.02 8.14
C ASP A 57 52.91 -13.47 6.93
N PRO A 58 52.66 -14.30 5.89
CA PRO A 58 51.85 -13.91 4.73
C PRO A 58 50.46 -13.39 5.08
N ILE A 59 49.93 -12.49 4.24
CA ILE A 59 48.66 -11.76 4.49
C ILE A 59 47.50 -12.69 4.83
N MET A 60 47.37 -13.82 4.13
CA MET A 60 46.37 -14.80 4.32
C MET A 60 46.55 -15.54 5.62
N THR A 61 47.78 -15.87 5.99
CA THR A 61 48.07 -16.56 7.25
C THR A 61 47.68 -15.69 8.45
N GLN A 62 47.96 -14.38 8.37
CA GLN A 62 47.59 -13.41 9.42
C GLN A 62 46.08 -13.21 9.56
N TYR A 63 45.30 -13.46 8.51
CA TYR A 63 43.84 -13.43 8.57
C TYR A 63 43.29 -14.69 9.25
N PHE A 64 43.75 -15.87 8.86
CA PHE A 64 43.31 -17.10 9.50
C PHE A 64 43.73 -17.15 10.99
N SER A 65 44.89 -16.62 11.37
CA SER A 65 45.26 -16.54 12.79
C SER A 65 44.38 -15.55 13.58
N TYR A 66 43.80 -14.52 12.94
CA TYR A 66 42.84 -13.64 13.58
C TYR A 66 41.49 -14.33 13.80
N LEU A 67 41.01 -15.09 12.81
CA LEU A 67 39.81 -15.93 12.99
C LEU A 67 40.00 -16.97 14.09
N LYS A 68 41.19 -17.57 14.21
CA LYS A 68 41.51 -18.49 15.32
C LYS A 68 41.36 -17.82 16.68
N GLN A 69 41.82 -16.59 16.83
CA GLN A 69 41.70 -15.85 18.10
C GLN A 69 40.23 -15.58 18.45
N LEU A 70 39.41 -15.13 17.49
CA LEU A 70 37.97 -14.96 17.71
C LEU A 70 37.26 -16.27 18.05
N ALA A 71 37.64 -17.39 17.43
CA ALA A 71 37.06 -18.70 17.71
C ALA A 71 37.33 -19.18 19.15
N HIS A 72 38.45 -18.78 19.76
CA HIS A 72 38.74 -18.99 21.18
C HIS A 72 38.27 -17.82 22.09
N GLY A 73 37.56 -16.83 21.55
CA GLY A 73 37.00 -15.70 22.31
C GLY A 73 38.02 -14.64 22.74
N ASP A 74 39.21 -14.61 22.15
CA ASP A 74 40.28 -13.66 22.46
C ASP A 74 40.33 -12.55 21.41
N PHE A 75 40.20 -11.30 21.84
CA PHE A 75 40.27 -10.14 20.92
C PHE A 75 41.70 -9.65 20.67
N GLY A 76 42.70 -10.16 21.39
CA GLY A 76 44.09 -9.72 21.28
C GLY A 76 44.41 -8.47 22.11
N PRO A 77 45.68 -8.05 22.15
CA PRO A 77 46.15 -6.95 22.97
C PRO A 77 45.76 -5.59 22.38
N SER A 78 45.64 -4.58 23.24
CA SER A 78 45.48 -3.19 22.81
C SER A 78 46.77 -2.64 22.20
N PHE A 79 46.63 -1.78 21.20
CA PHE A 79 47.76 -1.11 20.56
C PHE A 79 48.15 0.23 21.22
N LYS A 80 47.58 0.57 22.39
CA LYS A 80 48.01 1.73 23.20
C LYS A 80 48.07 1.48 24.70
N TYR A 81 47.15 0.73 25.30
CA TYR A 81 47.19 0.41 26.73
C TYR A 81 48.28 -0.63 27.04
N LYS A 82 48.92 -0.53 28.22
CA LYS A 82 50.08 -1.37 28.56
C LYS A 82 49.75 -2.66 29.31
N ASP A 83 48.92 -2.65 30.34
CA ASP A 83 48.60 -3.71 31.20
C ASP A 83 47.22 -4.30 31.06
N TYR A 84 46.41 -3.83 30.16
CA TYR A 84 45.05 -4.13 29.92
C TYR A 84 44.83 -4.84 28.63
N SER A 85 44.26 -5.99 28.58
CA SER A 85 43.81 -6.71 27.46
C SER A 85 42.53 -6.12 26.93
N VAL A 86 42.18 -6.30 25.65
CA VAL A 86 40.88 -5.85 25.12
C VAL A 86 39.71 -6.56 25.81
N ASN A 87 39.83 -7.84 26.15
CA ASN A 87 38.78 -8.56 26.89
C ASN A 87 38.55 -7.96 28.28
N ASP A 88 39.60 -7.54 28.97
CA ASP A 88 39.57 -6.85 30.21
C ASP A 88 38.81 -5.56 30.09
N LEU A 89 39.11 -4.76 29.07
CA LEU A 89 38.44 -3.48 28.82
C LEU A 89 36.96 -3.65 28.46
N VAL A 90 36.60 -4.66 27.67
CA VAL A 90 35.19 -5.00 27.43
C VAL A 90 34.53 -5.43 28.73
N ALA A 91 35.16 -6.28 29.54
CA ALA A 91 34.57 -6.78 30.78
C ALA A 91 34.30 -5.68 31.82
N SER A 92 35.14 -4.64 31.90
CA SER A 92 34.93 -3.51 32.82
C SER A 92 33.93 -2.48 32.31
N SER A 93 33.57 -2.50 31.02
CA SER A 93 32.72 -1.48 30.39
C SER A 93 31.37 -2.00 29.89
N PHE A 94 31.25 -3.29 29.57
CA PHE A 94 30.00 -3.87 29.06
C PHE A 94 28.81 -3.76 30.02
N PRO A 95 28.91 -4.05 31.33
CA PRO A 95 27.75 -3.91 32.23
C PRO A 95 27.24 -2.48 32.38
N VAL A 96 28.12 -1.47 32.24
CA VAL A 96 27.73 -0.05 32.26
C VAL A 96 26.91 0.30 31.02
N SER A 97 27.29 -0.18 29.84
CA SER A 97 26.49 -0.02 28.63
C SER A 97 25.20 -0.83 28.68
N ALA A 98 25.24 -2.07 29.19
CA ALA A 98 24.09 -2.96 29.24
C ALA A 98 22.97 -2.39 30.13
N LYS A 99 23.30 -1.87 31.30
CA LYS A 99 22.32 -1.33 32.24
C LYS A 99 21.65 -0.06 31.70
N LEU A 100 22.42 0.88 31.15
CA LEU A 100 21.90 2.10 30.54
C LEU A 100 21.11 1.83 29.25
N GLY A 101 21.64 1.00 28.35
CA GLY A 101 21.01 0.62 27.09
C GLY A 101 19.69 -0.13 27.28
N ALA A 102 19.65 -1.12 28.18
CA ALA A 102 18.42 -1.85 28.47
C ALA A 102 17.35 -0.96 29.11
N ALA A 103 17.74 -0.08 30.02
CA ALA A 103 16.83 0.88 30.63
C ALA A 103 16.27 1.85 29.58
N ALA A 104 17.11 2.42 28.72
CA ALA A 104 16.67 3.31 27.64
C ALA A 104 15.77 2.61 26.62
N PHE A 105 16.03 1.35 26.30
CA PHE A 105 15.23 0.56 25.37
C PHE A 105 13.84 0.20 25.94
N PHE A 106 13.76 -0.28 27.18
CA PHE A 106 12.47 -0.54 27.82
C PHE A 106 11.67 0.74 28.00
N LEU A 107 12.30 1.85 28.39
CA LEU A 107 11.63 3.14 28.51
C LEU A 107 11.13 3.65 27.15
N ALA A 108 11.88 3.46 26.07
CA ALA A 108 11.46 3.80 24.71
C ALA A 108 10.25 2.98 24.23
N VAL A 109 10.21 1.68 24.50
CA VAL A 109 9.07 0.83 24.15
C VAL A 109 7.84 1.19 24.99
N ILE A 110 7.95 1.24 26.32
CA ILE A 110 6.81 1.47 27.21
C ILE A 110 6.20 2.86 27.00
N LEU A 111 6.98 3.94 27.10
CA LEU A 111 6.45 5.30 26.91
C LEU A 111 6.06 5.54 25.46
N GLY A 112 6.80 5.00 24.50
CA GLY A 112 6.53 5.19 23.07
C GLY A 112 5.23 4.53 22.61
N VAL A 113 5.02 3.25 22.92
CA VAL A 113 3.77 2.56 22.57
C VAL A 113 2.59 3.16 23.33
N SER A 114 2.75 3.47 24.61
CA SER A 114 1.72 4.12 25.41
C SER A 114 1.28 5.44 24.80
N ALA A 115 2.22 6.34 24.51
CA ALA A 115 1.92 7.63 23.90
C ALA A 115 1.30 7.48 22.50
N GLY A 116 1.79 6.56 21.68
CA GLY A 116 1.28 6.34 20.34
C GLY A 116 -0.15 5.80 20.32
N VAL A 117 -0.50 4.86 21.20
CA VAL A 117 -1.88 4.38 21.35
C VAL A 117 -2.79 5.52 21.82
N ILE A 118 -2.36 6.28 22.82
CA ILE A 118 -3.08 7.45 23.36
C ILE A 118 -3.11 8.64 22.36
N ALA A 119 -2.40 8.56 21.23
CA ALA A 119 -2.48 9.52 20.13
C ALA A 119 -3.34 9.04 18.96
N ALA A 120 -3.52 7.72 18.80
CA ALA A 120 -4.40 7.13 17.81
C ALA A 120 -5.85 7.07 18.30
N LEU A 121 -6.06 6.61 19.53
CA LEU A 121 -7.22 7.04 20.31
C LEU A 121 -7.02 8.55 20.57
N LYS A 122 -8.10 9.30 20.82
CA LYS A 122 -8.12 10.69 20.99
C LYS A 122 -7.48 11.36 19.80
N GLN A 123 -7.95 11.01 18.59
CA GLN A 123 -7.22 11.22 17.33
C GLN A 123 -6.95 12.70 16.99
N ASN A 124 -7.93 13.59 17.18
CA ASN A 124 -7.83 15.01 16.78
C ASN A 124 -8.09 15.95 17.97
N THR A 125 -7.83 15.45 19.18
CA THR A 125 -7.93 16.20 20.43
C THR A 125 -6.58 16.84 20.79
N LYS A 126 -6.56 17.67 21.84
CA LYS A 126 -5.31 18.17 22.45
C LYS A 126 -4.28 17.08 22.75
N TRP A 127 -4.71 15.87 23.10
CA TRP A 127 -3.82 14.75 23.44
C TRP A 127 -3.00 14.23 22.26
N ASP A 128 -3.49 14.30 21.03
CA ASP A 128 -2.67 14.00 19.86
C ASP A 128 -1.72 15.15 19.55
N TYR A 129 -2.21 16.38 19.54
CA TYR A 129 -1.40 17.54 19.22
C TYR A 129 -0.25 17.77 20.22
N THR A 130 -0.40 17.40 21.50
CA THR A 130 0.75 17.36 22.41
C THR A 130 1.67 16.18 22.14
N VAL A 131 1.17 14.95 21.96
CA VAL A 131 2.03 13.78 21.72
C VAL A 131 2.80 13.88 20.40
N MET A 132 2.16 14.23 19.29
CA MET A 132 2.86 14.44 18.01
C MET A 132 3.69 15.72 17.96
N GLY A 133 3.44 16.70 18.83
CA GLY A 133 4.34 17.81 19.06
C GLY A 133 5.64 17.36 19.73
N LEU A 134 5.54 16.64 20.85
CA LEU A 134 6.69 16.06 21.54
C LEU A 134 7.44 15.02 20.68
N ALA A 135 6.71 14.23 19.89
CA ALA A 135 7.31 13.29 18.93
C ALA A 135 7.95 13.96 17.70
N MET A 136 7.67 15.24 17.44
CA MET A 136 8.50 16.05 16.54
C MET A 136 9.77 16.50 17.26
N THR A 137 9.62 17.11 18.44
CA THR A 137 10.73 17.66 19.23
C THR A 137 11.81 16.63 19.54
N GLY A 138 11.44 15.43 19.96
CA GLY A 138 12.39 14.38 20.28
C GLY A 138 13.16 13.82 19.09
N VAL A 139 12.54 13.72 17.91
CA VAL A 139 13.24 13.24 16.70
C VAL A 139 14.19 14.31 16.15
N VAL A 140 13.79 15.57 16.17
CA VAL A 140 14.55 16.67 15.57
C VAL A 140 15.69 17.18 16.45
N ILE A 141 15.48 17.45 17.75
CA ILE A 141 16.57 17.88 18.63
C ILE A 141 17.54 16.71 18.87
N PRO A 142 18.81 16.77 18.44
CA PRO A 142 19.73 15.65 18.58
C PRO A 142 20.04 15.29 20.04
N SER A 143 20.39 14.04 20.30
CA SER A 143 20.76 13.56 21.65
C SER A 143 21.95 14.34 22.25
N PHE A 144 22.93 14.72 21.46
CA PHE A 144 24.05 15.58 21.89
C PHE A 144 23.70 17.07 22.07
N VAL A 145 22.46 17.49 21.78
CA VAL A 145 21.90 18.78 22.22
C VAL A 145 20.97 18.60 23.44
N VAL A 146 20.16 17.54 23.50
CA VAL A 146 19.35 17.20 24.67
C VAL A 146 20.21 16.97 25.92
N ALA A 147 21.28 16.18 25.82
CA ALA A 147 22.09 15.81 26.97
C ALA A 147 22.76 17.00 27.69
N PRO A 148 23.49 17.91 27.02
CA PRO A 148 24.04 19.08 27.68
C PRO A 148 22.96 20.01 28.26
N LEU A 149 21.80 20.17 27.59
CA LEU A 149 20.71 20.99 28.13
C LEU A 149 20.14 20.39 29.42
N LEU A 150 20.01 19.07 29.53
CA LEU A 150 19.58 18.43 30.78
C LEU A 150 20.61 18.63 31.90
N VAL A 151 21.92 18.58 31.60
CA VAL A 151 22.95 18.95 32.58
C VAL A 151 22.81 20.42 32.98
N MET A 152 22.62 21.32 32.01
CA MET A 152 22.49 22.75 32.29
C MET A 152 21.29 23.02 33.21
N ILE A 153 20.11 22.51 32.88
CA ILE A 153 18.91 22.73 33.70
C ILE A 153 19.03 22.05 35.07
N PHE A 154 19.27 20.74 35.13
CA PHE A 154 19.15 20.00 36.39
C PHE A 154 20.41 19.92 37.25
N ALA A 155 21.61 20.09 36.69
CA ALA A 155 22.87 20.06 37.44
C ALA A 155 23.51 21.45 37.64
N ILE A 156 23.50 22.32 36.62
CA ILE A 156 24.13 23.66 36.72
C ILE A 156 23.16 24.68 37.34
N ILE A 157 21.91 24.76 36.88
CA ILE A 157 20.94 25.78 37.30
C ILE A 157 20.13 25.38 38.54
N LEU A 158 19.43 24.25 38.52
CA LEU A 158 18.52 23.85 39.62
C LEU A 158 19.17 23.02 40.74
N HIS A 159 20.31 22.38 40.49
CA HIS A 159 21.01 21.45 41.41
C HIS A 159 20.20 20.23 41.89
N TRP A 160 19.12 19.86 41.18
CA TRP A 160 18.29 18.70 41.55
C TRP A 160 18.96 17.34 41.32
N LEU A 161 19.85 17.22 40.34
CA LEU A 161 20.50 15.96 39.94
C LEU A 161 21.99 16.17 39.59
N PRO A 162 22.85 15.15 39.78
CA PRO A 162 24.26 15.25 39.48
C PRO A 162 24.54 15.16 37.97
N GLY A 163 25.51 15.94 37.48
CA GLY A 163 25.96 15.89 36.09
C GLY A 163 27.10 14.90 35.82
N GLY A 164 27.76 14.42 36.88
CA GLY A 164 28.95 13.56 36.78
C GLY A 164 28.68 12.07 36.54
N GLY A 165 29.75 11.29 36.46
CA GLY A 165 29.71 9.86 36.20
C GLY A 165 29.21 9.01 37.37
N TRP A 166 29.08 7.71 37.14
CA TRP A 166 28.49 6.78 38.10
C TRP A 166 29.31 6.56 39.36
N ASN A 167 28.72 6.87 40.51
CA ASN A 167 29.06 6.24 41.78
C ASN A 167 28.40 4.85 41.86
N GLY A 168 28.94 3.87 41.15
CA GLY A 168 28.48 2.47 41.21
C GLY A 168 27.11 2.18 40.57
N GLY A 169 26.56 3.10 39.76
CA GLY A 169 25.30 2.93 39.03
C GLY A 169 24.03 3.32 39.79
N ALA A 170 24.14 4.07 40.88
CA ALA A 170 22.97 4.57 41.61
C ALA A 170 22.05 5.45 40.74
N LEU A 171 20.74 5.34 40.94
CA LEU A 171 19.71 5.88 40.03
C LEU A 171 19.86 7.37 39.72
N LYS A 172 20.28 8.18 40.71
CA LYS A 172 20.44 9.63 40.54
C LYS A 172 21.46 10.02 39.47
N PHE A 173 22.46 9.18 39.22
CA PHE A 173 23.43 9.38 38.13
C PHE A 173 22.97 8.76 36.79
N MET A 174 22.08 7.76 36.83
CA MET A 174 21.57 7.08 35.63
C MET A 174 20.40 7.82 34.96
N ILE A 175 19.59 8.57 35.72
CA ILE A 175 18.32 9.13 35.23
C ILE A 175 18.47 10.12 34.07
N LEU A 176 19.39 11.09 34.12
CA LEU A 176 19.61 12.01 33.00
C LEU A 176 20.16 11.31 31.74
N PRO A 177 21.20 10.46 31.81
CA PRO A 177 21.63 9.65 30.68
C PRO A 177 20.51 8.86 30.03
N MET A 178 19.68 8.20 30.84
CA MET A 178 18.58 7.37 30.38
C MET A 178 17.52 8.17 29.63
N VAL A 179 17.17 9.36 30.12
CA VAL A 179 16.22 10.27 29.44
C VAL A 179 16.83 10.82 28.15
N ALA A 180 18.08 11.29 28.18
CA ALA A 180 18.74 11.83 27.00
C ALA A 180 18.93 10.79 25.89
N LEU A 181 19.24 9.55 26.25
CA LEU A 181 19.42 8.45 25.30
C LEU A 181 18.09 7.99 24.69
N SER A 182 17.01 8.00 25.46
CA SER A 182 15.72 7.45 25.05
C SER A 182 14.80 8.44 24.31
N LEU A 183 14.88 9.77 24.51
CA LEU A 183 13.91 10.71 23.92
C LEU A 183 13.81 10.63 22.39
N ALA A 184 14.93 10.50 21.68
CA ALA A 184 14.98 10.33 20.24
C ALA A 184 14.22 9.07 19.76
N TYR A 185 14.07 8.05 20.63
CA TYR A 185 13.39 6.78 20.33
C TYR A 185 11.98 6.67 20.91
N ILE A 186 11.69 7.28 22.08
CA ILE A 186 10.30 7.47 22.57
C ILE A 186 9.47 8.16 21.47
N ALA A 187 10.00 9.25 20.93
CA ALA A 187 9.37 10.00 19.88
C ALA A 187 9.14 9.17 18.60
N SER A 188 10.16 8.44 18.16
CA SER A 188 10.09 7.66 16.91
C SER A 188 9.16 6.46 17.00
N ILE A 189 9.17 5.74 18.14
CA ILE A 189 8.22 4.65 18.45
C ILE A 189 6.79 5.18 18.52
N ALA A 190 6.56 6.33 19.16
CA ALA A 190 5.23 6.92 19.26
C ALA A 190 4.65 7.24 17.89
N ARG A 191 5.46 7.83 16.99
CA ARG A 191 5.10 8.14 15.61
C ARG A 191 4.73 6.89 14.81
N ILE A 192 5.54 5.83 14.88
CA ILE A 192 5.27 4.55 14.20
C ILE A 192 4.03 3.88 14.77
N THR A 193 3.88 3.85 16.11
CA THR A 193 2.73 3.26 16.77
C THR A 193 1.43 3.96 16.37
N ARG A 194 1.40 5.29 16.40
CA ARG A 194 0.24 6.09 15.98
C ARG A 194 -0.17 5.79 14.55
N GLY A 195 0.76 5.86 13.61
CA GLY A 195 0.47 5.65 12.19
C GLY A 195 -0.05 4.23 11.90
N SER A 196 0.54 3.23 12.56
CA SER A 196 0.09 1.84 12.49
C SER A 196 -1.32 1.68 13.10
N MET A 197 -1.53 2.22 14.29
CA MET A 197 -2.80 2.11 15.01
C MET A 197 -3.95 2.83 14.29
N ILE A 198 -3.71 3.98 13.66
CA ILE A 198 -4.71 4.67 12.84
C ILE A 198 -5.06 3.89 11.58
N GLU A 199 -4.09 3.32 10.87
CA GLU A 199 -4.37 2.44 9.72
C GLU A 199 -5.17 1.19 10.13
N VAL A 200 -4.93 0.66 11.33
CA VAL A 200 -5.70 -0.44 11.92
C VAL A 200 -7.11 -0.02 12.34
N LEU A 201 -7.28 1.08 13.07
CA LEU A 201 -8.59 1.51 13.56
C LEU A 201 -9.57 1.90 12.45
N HIS A 202 -9.07 2.31 11.28
CA HIS A 202 -9.89 2.52 10.09
C HIS A 202 -10.04 1.26 9.20
N SER A 203 -9.48 0.12 9.56
CA SER A 203 -9.53 -1.09 8.72
C SER A 203 -10.90 -1.72 8.64
N ASN A 204 -11.12 -2.55 7.61
CA ASN A 204 -12.37 -3.28 7.45
C ASN A 204 -12.58 -4.37 8.52
N PHE A 205 -11.51 -4.89 9.13
CA PHE A 205 -11.66 -5.83 10.24
C PHE A 205 -12.05 -5.15 11.55
N ILE A 206 -11.56 -3.93 11.83
CA ILE A 206 -12.07 -3.16 12.98
C ILE A 206 -13.51 -2.67 12.73
N ARG A 207 -13.88 -2.31 11.50
CA ARG A 207 -15.28 -2.06 11.14
C ARG A 207 -16.17 -3.27 11.40
N THR A 208 -15.70 -4.48 11.11
CA THR A 208 -16.43 -5.71 11.41
C THR A 208 -16.46 -6.03 12.90
N ALA A 209 -15.43 -5.68 13.66
CA ALA A 209 -15.41 -5.80 15.13
C ALA A 209 -16.44 -4.86 15.78
N ARG A 210 -16.55 -3.62 15.29
CA ARG A 210 -17.61 -2.67 15.65
C ARG A 210 -18.99 -3.19 15.25
N ALA A 211 -19.14 -3.77 14.06
CA ALA A 211 -20.41 -4.31 13.58
C ALA A 211 -20.95 -5.49 14.41
N LYS A 212 -20.07 -6.26 15.08
CA LYS A 212 -20.47 -7.28 16.06
C LYS A 212 -20.92 -6.70 17.40
N GLY A 213 -20.80 -5.39 17.61
CA GLY A 213 -21.17 -4.74 18.86
C GLY A 213 -20.19 -5.01 20.01
N LEU A 214 -18.95 -5.42 19.72
CA LEU A 214 -17.94 -5.61 20.76
C LEU A 214 -17.65 -4.26 21.45
N PRO A 215 -17.46 -4.23 22.78
CA PRO A 215 -17.04 -3.01 23.46
C PRO A 215 -15.64 -2.61 23.00
N MET A 216 -15.37 -1.31 22.98
CA MET A 216 -14.11 -0.79 22.48
C MET A 216 -12.92 -1.35 23.26
N ARG A 217 -13.10 -1.74 24.53
CA ARG A 217 -12.01 -2.36 25.32
C ARG A 217 -11.52 -3.65 24.67
N ARG A 218 -12.44 -4.47 24.17
CA ARG A 218 -12.12 -5.74 23.51
C ARG A 218 -11.65 -5.54 22.08
N ILE A 219 -12.19 -4.55 21.38
CA ILE A 219 -11.71 -4.17 20.03
C ILE A 219 -10.25 -3.72 20.09
N ILE A 220 -9.87 -2.86 21.03
CA ILE A 220 -8.47 -2.46 21.18
C ILE A 220 -7.60 -3.66 21.58
N LEU A 221 -7.88 -4.30 22.71
CA LEU A 221 -6.94 -5.25 23.30
C LEU A 221 -6.80 -6.56 22.51
N ARG A 222 -7.88 -7.07 21.90
CA ARG A 222 -7.86 -8.36 21.20
C ARG A 222 -7.75 -8.22 19.68
N HIS A 223 -8.47 -7.27 19.06
CA HIS A 223 -8.47 -7.11 17.60
C HIS A 223 -7.38 -6.16 17.09
N ALA A 224 -7.23 -4.97 17.65
CA ALA A 224 -6.34 -3.93 17.11
C ALA A 224 -4.88 -4.02 17.56
N LEU A 225 -4.62 -4.36 18.82
CA LEU A 225 -3.30 -4.20 19.41
C LEU A 225 -2.21 -5.04 18.72
N LYS A 226 -2.48 -6.30 18.40
CA LYS A 226 -1.54 -7.16 17.67
C LYS A 226 -1.16 -6.60 16.29
N PRO A 227 -2.09 -6.28 15.38
CA PRO A 227 -1.73 -5.67 14.10
C PRO A 227 -1.10 -4.29 14.23
N ALA A 228 -1.43 -3.51 15.26
CA ALA A 228 -0.84 -2.20 15.48
C ALA A 228 0.64 -2.27 15.92
N LEU A 229 1.01 -3.23 16.77
CA LEU A 229 2.36 -3.34 17.31
C LEU A 229 3.35 -4.10 16.41
N LEU A 230 2.92 -4.86 15.40
CA LEU A 230 3.86 -5.55 14.51
C LEU A 230 4.84 -4.60 13.80
N PRO A 231 4.42 -3.44 13.25
CA PRO A 231 5.36 -2.42 12.76
C PRO A 231 6.32 -1.84 13.81
N VAL A 232 5.96 -1.86 15.10
CA VAL A 232 6.85 -1.46 16.20
C VAL A 232 7.91 -2.53 16.45
N LEU A 233 7.53 -3.81 16.42
CA LEU A 233 8.45 -4.94 16.54
C LEU A 233 9.47 -4.95 15.40
N SER A 234 9.06 -4.66 14.17
CA SER A 234 9.97 -4.48 13.03
C SER A 234 10.97 -3.33 13.24
N TYR A 235 10.64 -2.32 14.04
CA TYR A 235 11.41 -1.20 14.42
C TYR A 235 12.40 -1.46 15.53
N MET A 236 12.28 -2.59 16.24
CA MET A 236 13.18 -2.91 17.35
C MET A 236 14.61 -3.13 16.90
N GLY A 237 14.80 -3.56 15.66
CA GLY A 237 16.11 -3.66 15.03
C GLY A 237 16.81 -2.30 15.00
N PRO A 238 16.30 -1.29 14.27
CA PRO A 238 16.88 0.03 14.30
C PRO A 238 17.01 0.66 15.65
N ALA A 239 16.04 0.43 16.54
CA ALA A 239 16.06 1.01 17.89
C ALA A 239 17.26 0.52 18.71
N PHE A 240 17.66 -0.74 18.58
CA PHE A 240 18.80 -1.31 19.19
C PHE A 240 20.08 -0.66 18.73
N VAL A 241 20.20 -0.47 17.42
CA VAL A 241 21.35 0.20 16.79
C VAL A 241 21.42 1.67 17.21
N GLY A 242 20.28 2.34 17.27
CA GLY A 242 20.19 3.73 17.69
C GLY A 242 20.60 3.96 19.14
N ILE A 243 20.27 3.04 20.04
CA ILE A 243 20.63 3.14 21.46
C ILE A 243 22.11 2.79 21.69
N ILE A 244 22.65 1.74 21.06
CA ILE A 244 24.10 1.48 21.14
C ILE A 244 24.89 2.60 20.45
N THR A 245 24.38 3.18 19.36
CA THR A 245 25.00 4.36 18.72
C THR A 245 24.97 5.57 19.66
N GLY A 246 23.81 5.98 20.13
CA GLY A 246 23.65 7.13 21.01
C GLY A 246 24.42 7.03 22.31
N SER A 247 24.72 5.81 22.75
CA SER A 247 25.57 5.58 23.92
C SER A 247 26.96 6.22 23.77
N MET A 248 27.50 6.40 22.56
CA MET A 248 28.78 7.10 22.40
C MET A 248 28.73 8.54 22.89
N VAL A 249 27.75 9.35 22.45
CA VAL A 249 27.63 10.74 22.90
C VAL A 249 27.19 10.83 24.36
N ILE A 250 26.22 10.01 24.78
CA ILE A 250 25.72 10.05 26.16
C ILE A 250 26.80 9.63 27.16
N GLU A 251 27.52 8.54 26.93
CA GLU A 251 28.60 8.15 27.84
C GLU A 251 29.76 9.15 27.85
N THR A 252 30.03 9.82 26.72
CA THR A 252 31.09 10.85 26.63
C THR A 252 30.70 12.15 27.35
N ILE A 253 29.45 12.60 27.28
CA ILE A 253 28.98 13.83 27.95
C ILE A 253 28.91 13.65 29.47
N TYR A 254 28.27 12.58 29.94
CA TYR A 254 28.07 12.33 31.37
C TYR A 254 29.25 11.61 32.04
N GLY A 255 30.23 11.12 31.29
CA GLY A 255 31.45 10.54 31.85
C GLY A 255 31.26 9.13 32.40
N LEU A 256 30.65 8.25 31.62
CA LEU A 256 30.34 6.87 32.01
C LEU A 256 31.34 5.89 31.36
N PRO A 257 31.95 4.96 32.10
CA PRO A 257 32.99 4.06 31.58
C PRO A 257 32.44 2.89 30.77
N GLY A 258 31.50 3.14 29.85
CA GLY A 258 30.87 2.11 29.01
C GLY A 258 31.53 1.90 27.65
N ILE A 259 31.00 0.97 26.85
CA ILE A 259 31.60 0.57 25.57
C ILE A 259 31.63 1.71 24.55
N GLY A 260 30.73 2.68 24.65
CA GLY A 260 30.73 3.85 23.79
C GLY A 260 31.90 4.79 24.11
N GLN A 261 32.15 5.08 25.38
CA GLN A 261 33.33 5.87 25.76
C GLN A 261 34.62 5.14 25.40
N LEU A 262 34.66 3.83 25.67
CA LEU A 262 35.81 2.99 25.36
C LEU A 262 36.14 2.98 23.86
N PHE A 263 35.12 2.89 23.01
CA PHE A 263 35.26 2.95 21.55
C PHE A 263 35.74 4.32 21.07
N VAL A 264 35.12 5.41 21.54
CA VAL A 264 35.51 6.78 21.17
C VAL A 264 36.93 7.11 21.62
N ASN A 265 37.32 6.79 22.85
CA ASN A 265 38.69 6.98 23.33
C ASN A 265 39.69 6.14 22.52
N GLY A 266 39.31 4.92 22.14
CA GLY A 266 40.11 4.12 21.22
C GLY A 266 40.31 4.81 19.86
N ALA A 267 39.23 5.33 19.27
CA ALA A 267 39.26 5.98 17.97
C ALA A 267 40.05 7.30 17.97
N LEU A 268 40.02 8.09 19.05
CA LEU A 268 40.80 9.33 19.18
C LEU A 268 42.30 9.03 19.32
N ASN A 269 42.67 7.99 20.05
CA ASN A 269 43.98 7.53 20.33
C ASN A 269 44.56 6.62 19.29
N ARG A 270 43.84 6.30 18.22
CA ARG A 270 44.25 5.34 17.17
C ARG A 270 44.57 3.92 17.69
N ASP A 271 43.81 3.41 18.65
CA ASP A 271 43.88 2.00 19.06
C ASP A 271 43.07 1.12 18.09
N TYR A 272 43.68 0.76 16.95
CA TYR A 272 43.05 -0.03 15.91
C TYR A 272 42.42 -1.33 16.43
N SER A 273 43.08 -1.99 17.38
CA SER A 273 42.62 -3.26 17.96
C SER A 273 41.29 -3.12 18.71
N LEU A 274 41.16 -2.09 19.56
CA LEU A 274 39.99 -1.86 20.38
C LEU A 274 38.80 -1.40 19.54
N VAL A 275 39.04 -0.54 18.55
CA VAL A 275 38.02 -0.07 17.60
C VAL A 275 37.52 -1.21 16.70
N LEU A 276 38.43 -2.00 16.13
CA LEU A 276 38.06 -3.19 15.36
C LEU A 276 37.25 -4.14 16.23
N SER A 277 37.71 -4.41 17.45
CA SER A 277 37.13 -5.33 18.37
C SER A 277 35.68 -5.03 18.61
N LEU A 278 35.40 -3.81 19.10
CA LEU A 278 34.07 -3.40 19.52
C LEU A 278 33.08 -3.32 18.35
N THR A 279 33.56 -3.04 17.14
CA THR A 279 32.75 -3.04 15.93
C THR A 279 32.23 -4.44 15.60
N ILE A 280 33.09 -5.46 15.71
CA ILE A 280 32.71 -6.87 15.55
C ILE A 280 31.74 -7.28 16.67
N LEU A 281 31.98 -6.88 17.92
CA LEU A 281 31.08 -7.17 19.04
C LEU A 281 29.69 -6.54 18.83
N VAL A 282 29.62 -5.23 18.59
CA VAL A 282 28.35 -4.52 18.39
C VAL A 282 27.66 -4.99 17.12
N GLY A 283 28.40 -5.31 16.06
CA GLY A 283 27.85 -5.93 14.86
C GLY A 283 27.21 -7.27 15.15
N ALA A 284 27.91 -8.18 15.83
CA ALA A 284 27.37 -9.47 16.23
C ALA A 284 26.11 -9.33 17.10
N LEU A 285 26.08 -8.38 18.05
CA LEU A 285 24.91 -8.17 18.89
C LEU A 285 23.70 -7.71 18.06
N THR A 286 23.93 -6.83 17.08
CA THR A 286 22.87 -6.35 16.21
C THR A 286 22.38 -7.45 15.26
N ILE A 287 23.28 -8.22 14.64
CA ILE A 287 22.92 -9.34 13.76
C ILE A 287 22.11 -10.39 14.52
N LEU A 288 22.50 -10.73 15.75
CA LEU A 288 21.75 -11.63 16.62
C LEU A 288 20.39 -11.05 17.03
N PHE A 289 20.36 -9.80 17.48
CA PHE A 289 19.12 -9.18 17.94
C PHE A 289 18.09 -9.06 16.82
N ASN A 290 18.52 -8.68 15.61
CA ASN A 290 17.62 -8.58 14.47
C ASN A 290 17.10 -9.96 14.02
N ALA A 291 17.88 -11.03 14.18
CA ALA A 291 17.40 -12.39 13.98
C ALA A 291 16.32 -12.76 15.01
N ILE A 292 16.55 -12.47 16.30
CA ILE A 292 15.57 -12.72 17.37
C ILE A 292 14.28 -11.94 17.14
N VAL A 293 14.35 -10.68 16.76
CA VAL A 293 13.19 -9.84 16.41
C VAL A 293 12.43 -10.40 15.21
N ASP A 294 13.09 -10.75 14.11
CA ASP A 294 12.41 -11.26 12.93
C ASP A 294 11.80 -12.65 13.17
N VAL A 295 12.44 -13.49 13.98
CA VAL A 295 11.89 -14.77 14.44
C VAL A 295 10.65 -14.57 15.31
N LEU A 296 10.68 -13.64 16.26
CA LEU A 296 9.51 -13.33 17.09
C LEU A 296 8.37 -12.77 16.23
N TYR A 297 8.66 -11.93 15.25
CA TYR A 297 7.68 -11.43 14.29
C TYR A 297 7.03 -12.58 13.52
N ALA A 298 7.82 -13.52 13.01
CA ALA A 298 7.34 -14.72 12.31
C ALA A 298 6.59 -15.73 13.20
N VAL A 299 6.72 -15.64 14.53
CA VAL A 299 5.91 -16.41 15.50
C VAL A 299 4.58 -15.71 15.83
N ILE A 300 4.57 -14.39 15.95
CA ILE A 300 3.37 -13.59 16.24
C ILE A 300 2.46 -13.45 15.01
N ASP A 301 3.01 -13.16 13.83
CA ASP A 301 2.26 -13.02 12.57
C ASP A 301 1.87 -14.39 11.98
N PRO A 302 0.59 -14.73 11.79
CA PRO A 302 0.19 -16.04 11.29
C PRO A 302 0.32 -16.22 9.76
N LYS A 303 0.62 -15.16 8.99
CA LYS A 303 0.69 -15.22 7.52
C LYS A 303 1.92 -15.95 7.00
N GLY B 22 -5.29 23.51 -17.73
CA GLY B 22 -5.59 22.21 -17.11
C GLY B 22 -4.93 22.07 -15.75
N ARG B 23 -5.31 21.07 -14.95
CA ARG B 23 -4.76 20.84 -13.61
C ARG B 23 -3.41 20.09 -13.67
N SER B 24 -2.35 20.77 -14.13
CA SER B 24 -1.00 20.21 -14.17
C SER B 24 -0.56 19.77 -12.77
N LEU B 25 -0.28 18.48 -12.57
CA LEU B 25 -0.27 17.90 -11.22
C LEU B 25 0.84 18.48 -10.31
N TRP B 26 1.99 18.87 -10.87
CA TRP B 26 3.02 19.60 -10.14
C TRP B 26 2.64 21.05 -9.78
N GLN B 27 1.73 21.69 -10.51
CA GLN B 27 1.19 23.01 -10.12
C GLN B 27 0.13 22.89 -9.01
N ASP B 28 -0.64 21.81 -8.96
CA ASP B 28 -1.39 21.47 -7.75
C ASP B 28 -0.47 21.17 -6.56
N ALA B 29 0.64 20.45 -6.75
CA ALA B 29 1.64 20.26 -5.69
C ALA B 29 2.23 21.61 -5.23
N ARG B 30 2.57 22.53 -6.13
CA ARG B 30 2.98 23.90 -5.80
C ARG B 30 1.94 24.63 -4.96
N ARG B 31 0.66 24.56 -5.33
CA ARG B 31 -0.44 25.17 -4.56
C ARG B 31 -0.57 24.56 -3.17
N ARG B 32 -0.48 23.24 -3.02
CA ARG B 32 -0.48 22.55 -1.71
C ARG B 32 0.71 22.97 -0.85
N PHE B 33 1.91 23.07 -1.41
CA PHE B 33 3.10 23.53 -0.69
C PHE B 33 2.96 24.97 -0.20
N MET B 34 2.43 25.89 -1.03
CA MET B 34 2.19 27.27 -0.62
C MET B 34 1.05 27.42 0.41
N HIS B 35 0.07 26.52 0.42
CA HIS B 35 -1.01 26.50 1.42
C HIS B 35 -0.55 25.99 2.79
N ASN B 36 0.44 25.10 2.82
CA ASN B 36 1.08 24.60 4.04
C ASN B 36 2.01 25.66 4.65
N ARG B 37 1.50 26.51 5.54
CA ARG B 37 2.21 27.71 6.04
C ARG B 37 3.51 27.40 6.76
N ALA B 38 3.59 26.27 7.47
CA ALA B 38 4.75 25.74 8.09
C ALA B 38 5.88 25.57 7.10
N ALA B 39 5.59 24.97 5.94
CA ALA B 39 6.62 24.66 4.95
C ALA B 39 7.21 25.93 4.32
N VAL B 40 6.37 26.89 3.91
CA VAL B 40 6.84 28.18 3.38
C VAL B 40 7.64 28.95 4.43
N ALA B 41 7.18 29.01 5.68
CA ALA B 41 7.84 29.60 6.77
C ALA B 41 9.21 29.02 6.97
N SER B 42 9.33 27.73 6.95
CA SER B 42 10.53 26.99 7.05
C SER B 42 11.51 27.39 6.00
N LEU B 43 11.06 27.48 4.75
CA LEU B 43 11.90 27.82 3.61
C LEU B 43 12.51 29.22 3.75
N ILE B 44 11.77 30.19 4.28
CA ILE B 44 12.20 31.51 4.57
C ILE B 44 13.30 31.50 5.59
N VAL B 45 13.11 30.84 6.68
CA VAL B 45 14.02 30.65 7.74
C VAL B 45 15.29 30.04 7.24
N LEU B 46 15.18 28.96 6.48
CA LEU B 46 16.33 28.21 5.97
C LEU B 46 17.17 29.07 5.02
N VAL B 47 16.54 29.92 4.21
CA VAL B 47 17.23 30.90 3.35
C VAL B 47 17.90 32.00 4.16
N LEU B 48 17.28 32.49 5.24
CA LEU B 48 17.92 33.45 6.14
C LEU B 48 19.14 32.83 6.84
N ILE B 49 19.09 31.56 7.24
CA ILE B 49 20.26 30.83 7.75
C ILE B 49 21.32 30.68 6.66
N ALA B 50 20.96 30.36 5.42
CA ALA B 50 21.92 30.32 4.33
C ALA B 50 22.59 31.69 4.12
N LEU B 51 21.84 32.79 4.14
CA LEU B 51 22.39 34.14 4.00
C LEU B 51 23.34 34.49 5.16
N PHE B 52 23.02 34.09 6.39
CA PHE B 52 23.93 34.24 7.51
C PHE B 52 25.23 33.44 7.33
N VAL B 53 25.11 32.15 7.00
CA VAL B 53 26.24 31.24 6.75
C VAL B 53 27.13 31.72 5.58
N ILE B 54 26.55 32.33 4.56
CA ILE B 54 27.29 32.93 3.44
C ILE B 54 27.96 34.24 3.87
N LEU B 55 27.18 35.24 4.29
CA LEU B 55 27.63 36.63 4.41
C LEU B 55 28.35 36.98 5.72
N ALA B 56 28.04 36.34 6.85
CA ALA B 56 28.54 36.83 8.14
C ALA B 56 30.07 36.89 8.24
N PRO B 57 30.84 35.89 7.79
CA PRO B 57 32.30 35.97 7.77
C PRO B 57 32.88 37.09 6.89
N MET B 58 32.12 37.58 5.90
CA MET B 58 32.53 38.66 5.00
C MET B 58 32.18 40.05 5.53
N LEU B 59 31.02 40.21 6.19
CA LEU B 59 30.58 41.47 6.80
C LEU B 59 31.17 41.73 8.19
N SER B 60 31.75 40.71 8.85
CA SER B 60 32.31 40.79 10.21
C SER B 60 33.56 41.67 10.32
N GLN B 61 33.72 42.37 11.45
CA GLN B 61 34.94 43.08 11.83
C GLN B 61 36.10 42.15 12.26
N PHE B 62 35.83 40.88 12.55
CA PHE B 62 36.77 39.89 13.08
C PHE B 62 36.85 38.65 12.17
N ALA B 63 38.01 37.99 12.12
CA ALA B 63 38.22 36.77 11.33
C ALA B 63 38.13 35.49 12.18
N TYR B 64 37.98 34.34 11.54
CA TYR B 64 37.80 33.02 12.18
C TYR B 64 38.96 32.59 13.08
N ASP B 65 40.18 33.01 12.76
CA ASP B 65 41.42 32.64 13.44
C ASP B 65 42.01 33.79 14.28
N ASP B 66 41.29 34.89 14.44
CA ASP B 66 41.72 36.08 15.17
C ASP B 66 41.42 35.99 16.66
N THR B 67 42.13 36.76 17.49
CA THR B 67 42.07 36.74 18.95
C THR B 67 42.05 38.15 19.54
N ASP B 68 41.23 38.38 20.57
CA ASP B 68 41.29 39.60 21.39
C ASP B 68 41.36 39.25 22.88
N TRP B 69 42.58 39.23 23.43
CA TRP B 69 42.86 38.88 24.82
C TRP B 69 42.25 39.83 25.85
N ALA B 70 41.70 40.99 25.45
CA ALA B 70 40.89 41.82 26.35
C ALA B 70 39.55 41.18 26.72
N MET B 71 39.07 40.20 25.94
CA MET B 71 37.78 39.54 26.11
C MET B 71 37.92 38.01 26.06
N MET B 72 38.77 37.46 26.94
CA MET B 72 39.19 36.05 26.92
C MET B 72 38.01 35.07 26.94
N SER B 73 36.95 35.35 27.70
CA SER B 73 35.62 34.79 27.45
C SER B 73 34.55 35.72 27.99
N SER B 74 33.72 36.27 27.11
CA SER B 74 32.70 37.26 27.41
C SER B 74 31.34 36.86 26.85
N ALA B 75 30.27 37.18 27.58
CA ALA B 75 28.91 37.14 27.08
C ALA B 75 28.71 38.18 25.96
N PRO B 76 27.61 38.10 25.19
CA PRO B 76 27.23 39.11 24.21
C PRO B 76 27.27 40.55 24.74
N ASP B 77 27.83 41.47 23.97
CA ASP B 77 27.88 42.91 24.31
C ASP B 77 27.85 43.74 23.02
N MET B 78 26.79 44.50 22.80
CA MET B 78 26.52 45.14 21.52
C MET B 78 27.56 46.21 21.13
N GLU B 79 28.24 46.82 22.10
CA GLU B 79 29.29 47.82 21.86
C GLU B 79 30.64 47.21 21.50
N SER B 80 30.87 45.94 21.85
CA SER B 80 32.09 45.19 21.54
C SER B 80 32.17 44.76 20.08
N GLY B 81 31.03 44.38 19.50
CA GLY B 81 30.95 43.74 18.18
C GLY B 81 30.99 42.20 18.24
N HIS B 82 31.37 41.60 19.36
CA HIS B 82 31.20 40.15 19.59
C HIS B 82 29.75 39.81 19.96
N TYR B 83 28.83 39.94 19.01
CA TYR B 83 27.38 39.83 19.25
C TYR B 83 26.90 38.46 19.78
N PHE B 84 27.68 37.38 19.62
CA PHE B 84 27.41 36.06 20.23
C PHE B 84 28.36 35.74 21.41
N GLY B 85 29.24 36.66 21.81
CA GLY B 85 30.26 36.42 22.83
C GLY B 85 31.51 35.70 22.30
N THR B 86 32.42 35.33 23.21
CA THR B 86 33.73 34.77 22.85
C THR B 86 34.07 33.43 23.50
N ASP B 87 34.63 32.55 22.67
CA ASP B 87 35.28 31.29 23.03
C ASP B 87 36.51 31.55 23.90
N SER B 88 36.85 30.65 24.82
CA SER B 88 37.84 30.84 25.90
C SER B 88 39.28 31.08 25.44
N SER B 89 39.57 30.91 24.15
CA SER B 89 40.80 31.38 23.52
C SER B 89 40.77 32.88 23.16
N GLY B 90 39.76 33.64 23.59
CA GLY B 90 39.58 35.05 23.22
C GLY B 90 39.08 35.25 21.79
N ARG B 91 38.21 34.36 21.30
CA ARG B 91 37.92 34.16 19.86
C ARG B 91 36.44 34.27 19.54
N ASP B 92 36.08 34.85 18.39
CA ASP B 92 34.70 35.28 18.09
C ASP B 92 33.74 34.14 17.70
N LEU B 93 32.62 34.00 18.42
CA LEU B 93 31.64 32.95 18.17
C LEU B 93 30.70 33.24 16.99
N LEU B 94 30.42 34.50 16.64
CA LEU B 94 29.53 34.84 15.52
C LEU B 94 30.08 34.32 14.19
N VAL B 95 31.36 34.59 13.95
CA VAL B 95 32.07 34.11 12.77
C VAL B 95 32.21 32.59 12.77
N ARG B 96 32.54 31.99 13.91
CA ARG B 96 32.71 30.54 14.02
C ARG B 96 31.40 29.78 13.82
N VAL B 97 30.28 30.27 14.35
CA VAL B 97 28.96 29.65 14.10
C VAL B 97 28.58 29.74 12.63
N ALA B 98 28.93 30.82 11.93
CA ALA B 98 28.70 30.93 10.49
C ALA B 98 29.61 30.00 9.67
N ILE B 99 30.93 30.01 9.91
CA ILE B 99 31.87 29.12 9.21
C ILE B 99 31.53 27.65 9.48
N GLY B 100 31.19 27.28 10.70
CA GLY B 100 30.80 25.90 10.99
C GLY B 100 29.48 25.50 10.34
N GLY B 101 28.58 26.45 10.14
CA GLY B 101 27.37 26.23 9.36
C GLY B 101 27.64 25.95 7.89
N ARG B 102 28.69 26.55 7.30
CA ARG B 102 29.11 26.22 5.94
C ARG B 102 29.47 24.74 5.86
N ILE B 103 30.28 24.25 6.79
CA ILE B 103 30.72 22.86 6.79
C ILE B 103 29.56 21.90 7.00
N SER B 104 28.69 22.12 7.98
CA SER B 104 27.59 21.19 8.24
C SER B 104 26.58 21.13 7.09
N LEU B 105 26.23 22.26 6.48
CA LEU B 105 25.34 22.27 5.33
C LEU B 105 26.00 21.66 4.08
N MET B 106 27.27 21.97 3.79
CA MET B 106 27.96 21.41 2.62
C MET B 106 28.21 19.91 2.75
N VAL B 107 28.62 19.39 3.92
CA VAL B 107 28.70 17.96 4.18
C VAL B 107 27.32 17.31 4.07
N GLY B 108 26.29 17.90 4.67
CA GLY B 108 24.92 17.37 4.64
C GLY B 108 24.35 17.23 3.23
N VAL B 109 24.46 18.27 2.40
CA VAL B 109 24.02 18.23 1.00
C VAL B 109 24.90 17.29 0.16
N ALA B 110 26.22 17.30 0.31
CA ALA B 110 27.09 16.38 -0.42
C ALA B 110 26.80 14.90 -0.10
N ALA B 111 26.65 14.57 1.18
CA ALA B 111 26.29 13.22 1.62
C ALA B 111 24.90 12.82 1.10
N ALA B 112 23.94 13.74 1.09
CA ALA B 112 22.62 13.48 0.55
C ALA B 112 22.63 13.19 -0.96
N LEU B 113 23.40 13.90 -1.79
CA LEU B 113 23.61 13.68 -3.17
C LEU B 113 24.15 12.31 -3.43
N VAL B 114 25.20 11.91 -2.69
CA VAL B 114 25.80 10.57 -2.79
C VAL B 114 24.78 9.51 -2.43
N ALA B 115 24.06 9.66 -1.31
CA ALA B 115 23.04 8.71 -0.91
C ALA B 115 21.85 8.63 -1.89
N VAL B 116 21.42 9.75 -2.46
CA VAL B 116 20.35 9.83 -3.48
C VAL B 116 20.77 9.15 -4.78
N VAL B 117 21.98 9.40 -5.29
CA VAL B 117 22.46 8.75 -6.52
C VAL B 117 22.63 7.25 -6.33
N VAL B 118 23.34 6.80 -5.29
CA VAL B 118 23.54 5.36 -5.04
C VAL B 118 22.22 4.66 -4.74
N GLY B 119 21.37 5.27 -3.93
CA GLY B 119 20.06 4.70 -3.58
C GLY B 119 19.11 4.63 -4.76
N THR B 120 19.06 5.65 -5.61
CA THR B 120 18.22 5.63 -6.82
C THR B 120 18.71 4.58 -7.81
N LEU B 121 20.02 4.49 -8.05
CA LEU B 121 20.58 3.50 -8.96
C LEU B 121 20.32 2.07 -8.48
N TYR B 122 20.58 1.76 -7.21
CA TYR B 122 20.33 0.43 -6.65
C TYR B 122 18.83 0.09 -6.63
N GLY B 123 17.99 1.02 -6.17
CA GLY B 123 16.54 0.83 -6.10
C GLY B 123 15.88 0.66 -7.47
N SER B 124 16.23 1.51 -8.45
CA SER B 124 15.68 1.42 -9.79
C SER B 124 16.12 0.14 -10.50
N LEU B 125 17.39 -0.27 -10.41
CA LEU B 125 17.82 -1.55 -11.00
C LEU B 125 17.12 -2.73 -10.31
N SER B 126 17.10 -2.76 -8.97
CA SER B 126 16.44 -3.80 -8.21
C SER B 126 14.95 -3.94 -8.54
N GLY B 127 14.23 -2.82 -8.69
CA GLY B 127 12.81 -2.81 -9.05
C GLY B 127 12.53 -3.10 -10.53
N TYR B 128 13.35 -2.62 -11.46
CA TYR B 128 13.09 -2.77 -12.89
C TYR B 128 13.50 -4.13 -13.47
N LEU B 129 14.60 -4.73 -12.99
CA LEU B 129 15.09 -6.02 -13.47
C LEU B 129 14.24 -7.22 -13.01
N GLY B 130 13.25 -7.02 -12.14
CA GLY B 130 12.27 -8.04 -11.75
C GLY B 130 12.76 -9.02 -10.67
N GLY B 131 12.01 -10.09 -10.46
CA GLY B 131 12.04 -10.93 -9.37
C GLY B 131 13.32 -11.59 -9.02
N LYS B 132 14.03 -12.06 -9.98
CA LYS B 132 15.27 -12.72 -9.87
C LYS B 132 16.27 -11.89 -9.09
N VAL B 133 16.53 -10.68 -9.60
CA VAL B 133 17.47 -9.71 -9.01
C VAL B 133 16.87 -9.00 -7.80
N ASP B 134 15.58 -8.68 -7.82
CA ASP B 134 14.88 -8.03 -6.71
C ASP B 134 15.03 -8.79 -5.39
N SER B 135 14.90 -10.13 -5.44
CA SER B 135 14.90 -11.00 -4.33
C SER B 135 16.19 -10.89 -3.56
N VAL B 136 17.33 -10.98 -4.25
CA VAL B 136 18.66 -10.87 -3.62
C VAL B 136 19.00 -9.43 -3.22
N MET B 137 18.71 -8.44 -4.05
CA MET B 137 19.05 -7.06 -3.74
C MET B 137 18.28 -6.51 -2.53
N MET B 138 17.02 -6.89 -2.34
CA MET B 138 16.28 -6.54 -1.13
C MET B 138 16.72 -7.34 0.11
N ARG B 139 17.21 -8.57 -0.06
CA ARG B 139 17.81 -9.35 1.04
C ARG B 139 19.04 -8.63 1.58
N LEU B 140 19.90 -8.15 0.69
CA LEU B 140 21.09 -7.38 1.06
C LEU B 140 20.73 -6.11 1.82
N LEU B 141 19.67 -5.36 1.47
CA LEU B 141 19.29 -4.18 2.26
C LEU B 141 18.93 -4.54 3.70
N GLU B 142 18.14 -5.59 3.90
CA GLU B 142 17.70 -6.03 5.24
C GLU B 142 18.87 -6.53 6.09
N ILE B 143 19.79 -7.28 5.48
CA ILE B 143 21.05 -7.69 6.10
C ILE B 143 21.93 -6.48 6.43
N LEU B 144 22.22 -5.59 5.48
CA LEU B 144 23.05 -4.42 5.66
C LEU B 144 22.47 -3.46 6.70
N ASN B 145 21.14 -3.29 6.76
CA ASN B 145 20.50 -2.42 7.74
C ASN B 145 20.71 -2.87 9.21
N SER B 146 21.24 -4.08 9.40
CA SER B 146 21.63 -4.67 10.68
C SER B 146 23.10 -4.43 11.06
N PHE B 147 23.89 -3.70 10.27
CA PHE B 147 25.24 -3.25 10.65
C PHE B 147 25.18 -1.96 11.49
N PRO B 148 26.15 -1.71 12.39
CA PRO B 148 26.32 -0.50 13.14
C PRO B 148 27.02 0.58 12.34
N PHE B 149 26.32 1.22 11.41
CA PHE B 149 27.01 2.10 10.45
C PHE B 149 27.77 3.27 11.08
N MET B 150 27.35 3.81 12.21
CA MET B 150 28.14 4.84 12.89
C MET B 150 29.49 4.29 13.37
N PHE B 151 29.53 3.06 13.88
CA PHE B 151 30.78 2.40 14.27
C PHE B 151 31.65 2.15 13.02
N PHE B 152 31.04 1.74 11.92
CA PHE B 152 31.77 1.48 10.68
C PHE B 152 32.36 2.76 10.04
N VAL B 153 31.64 3.88 10.06
CA VAL B 153 32.17 5.18 9.63
C VAL B 153 33.26 5.66 10.59
N ILE B 154 33.11 5.51 11.91
CA ILE B 154 34.17 5.85 12.85
C ILE B 154 35.41 4.99 12.60
N LEU B 155 35.26 3.70 12.28
CA LEU B 155 36.36 2.80 11.94
C LEU B 155 37.09 3.25 10.67
N LEU B 156 36.38 3.61 9.61
CA LEU B 156 37.00 4.21 8.41
C LEU B 156 37.74 5.50 8.77
N VAL B 157 37.07 6.43 9.45
CA VAL B 157 37.60 7.77 9.76
C VAL B 157 38.83 7.73 10.66
N THR B 158 38.86 6.84 11.66
CA THR B 158 40.04 6.70 12.53
C THR B 158 41.19 5.96 11.85
N PHE B 159 40.92 4.97 10.99
CA PHE B 159 42.01 4.27 10.30
C PHE B 159 42.58 5.06 9.11
N PHE B 160 41.79 5.90 8.44
CA PHE B 160 42.20 6.62 7.22
C PHE B 160 42.28 8.15 7.31
N GLY B 161 41.88 8.80 8.42
CA GLY B 161 42.42 10.11 8.79
C GLY B 161 41.60 11.36 8.46
N GLN B 162 40.29 11.35 8.70
CA GLN B 162 39.47 12.58 8.89
C GLN B 162 39.43 13.61 7.73
N ASN B 163 39.74 13.22 6.49
CA ASN B 163 39.60 14.12 5.34
C ASN B 163 38.10 14.44 5.10
N ILE B 164 37.74 15.70 4.83
CA ILE B 164 36.34 16.09 4.62
C ILE B 164 35.69 15.38 3.42
N LEU B 165 36.46 15.05 2.38
CA LEU B 165 35.97 14.27 1.24
C LEU B 165 35.65 12.81 1.64
N LEU B 166 36.42 12.23 2.56
CA LEU B 166 36.12 10.91 3.10
C LEU B 166 34.83 10.93 3.92
N ILE B 167 34.58 11.98 4.69
CA ILE B 167 33.35 12.12 5.45
C ILE B 167 32.11 12.36 4.57
N PHE B 168 32.19 13.15 3.47
CA PHE B 168 31.09 13.23 2.49
C PHE B 168 30.68 11.82 2.03
N VAL B 169 31.66 11.06 1.53
CA VAL B 169 31.42 9.76 0.90
C VAL B 169 31.00 8.73 1.94
N ALA B 170 31.69 8.62 3.08
CA ALA B 170 31.39 7.63 4.09
C ALA B 170 29.97 7.81 4.65
N ILE B 171 29.54 9.03 4.97
CA ILE B 171 28.18 9.27 5.47
C ILE B 171 27.14 8.94 4.38
N GLY B 172 27.41 9.26 3.12
CA GLY B 172 26.52 8.94 2.01
C GLY B 172 26.41 7.43 1.75
N MET B 173 27.55 6.74 1.69
CA MET B 173 27.64 5.30 1.39
C MET B 173 27.03 4.38 2.44
N VAL B 174 26.74 4.88 3.65
CA VAL B 174 26.01 4.14 4.69
C VAL B 174 24.54 4.50 4.84
N SER B 175 24.04 5.54 4.16
CA SER B 175 22.69 6.06 4.38
C SER B 175 21.76 6.04 3.16
N TRP B 176 22.07 5.24 2.13
CA TRP B 176 21.20 5.05 0.97
C TRP B 176 20.21 3.90 1.07
N LEU B 177 20.21 3.11 2.15
CA LEU B 177 19.48 1.85 2.23
C LEU B 177 17.94 2.04 2.20
N ASP B 178 17.38 2.94 3.01
CA ASP B 178 15.94 3.20 2.98
C ASP B 178 15.49 3.96 1.73
N MET B 179 16.35 4.83 1.19
CA MET B 179 16.18 5.47 -0.12
C MET B 179 16.05 4.44 -1.25
N ALA B 180 16.91 3.41 -1.27
CA ALA B 180 16.81 2.34 -2.24
C ALA B 180 15.54 1.50 -2.05
N ARG B 181 15.13 1.24 -0.81
CA ARG B 181 13.90 0.50 -0.51
C ARG B 181 12.65 1.20 -1.03
N ILE B 182 12.52 2.51 -0.82
CA ILE B 182 11.34 3.25 -1.28
C ILE B 182 11.35 3.47 -2.80
N VAL B 183 12.49 3.73 -3.43
CA VAL B 183 12.59 3.81 -4.90
C VAL B 183 12.36 2.45 -5.57
N ARG B 184 12.78 1.34 -4.96
CA ARG B 184 12.42 -0.02 -5.42
C ARG B 184 10.91 -0.23 -5.37
N GLY B 185 10.27 0.09 -4.26
CA GLY B 185 8.82 -0.08 -4.10
C GLY B 185 8.02 0.71 -5.16
N GLN B 186 8.38 1.96 -5.38
CA GLN B 186 7.78 2.81 -6.40
C GLN B 186 8.04 2.28 -7.82
N THR B 187 9.27 1.86 -8.14
CA THR B 187 9.62 1.35 -9.46
C THR B 187 8.95 0.02 -9.78
N LEU B 188 8.87 -0.92 -8.83
CA LEU B 188 8.19 -2.19 -9.02
C LEU B 188 6.68 -2.02 -9.19
N SER B 189 6.07 -1.09 -8.43
CA SER B 189 4.68 -0.70 -8.64
C SER B 189 4.45 -0.15 -10.04
N LEU B 190 5.28 0.79 -10.51
CA LEU B 190 5.16 1.34 -11.87
C LEU B 190 5.39 0.28 -12.94
N LYS B 191 6.34 -0.64 -12.78
CA LYS B 191 6.57 -1.74 -13.72
C LYS B 191 5.37 -2.70 -13.80
N ARG B 192 4.58 -2.83 -12.72
CA ARG B 192 3.32 -3.58 -12.67
C ARG B 192 2.11 -2.80 -13.22
N LYS B 193 2.12 -1.45 -13.17
CA LYS B 193 1.06 -0.59 -13.70
C LYS B 193 0.83 -0.80 -15.19
N GLU B 194 -0.35 -0.40 -15.62
CA GLU B 194 -0.96 -0.59 -16.88
C GLU B 194 -0.39 0.29 -17.97
N PHE B 195 -0.12 1.56 -17.65
CA PHE B 195 0.36 2.53 -18.63
C PHE B 195 1.79 2.23 -19.13
N ILE B 196 2.57 1.44 -18.40
CA ILE B 196 3.80 0.82 -18.91
C ILE B 196 3.49 -0.34 -19.90
N GLU B 197 2.53 -1.23 -19.60
CA GLU B 197 2.08 -2.23 -20.57
C GLU B 197 1.53 -1.55 -21.84
N ALA B 198 0.75 -0.48 -21.70
CA ALA B 198 0.22 0.30 -22.80
C ALA B 198 1.30 1.01 -23.62
N ALA B 199 2.37 1.52 -22.98
CA ALA B 199 3.52 2.06 -23.69
C ALA B 199 4.24 0.99 -24.53
N GLN B 200 4.42 -0.22 -24.00
CA GLN B 200 4.99 -1.34 -24.77
C GLN B 200 4.11 -1.70 -25.96
N VAL B 201 2.79 -1.77 -25.76
CA VAL B 201 1.81 -2.05 -26.83
C VAL B 201 1.79 -0.91 -27.86
N GLY B 202 2.02 0.33 -27.43
CA GLY B 202 2.22 1.50 -28.31
C GLY B 202 3.56 1.53 -29.04
N GLY B 203 4.40 0.51 -28.91
CA GLY B 203 5.69 0.40 -29.61
C GLY B 203 6.83 1.22 -29.03
N VAL B 204 6.66 1.82 -27.85
CA VAL B 204 7.68 2.66 -27.20
C VAL B 204 8.87 1.80 -26.75
N SER B 205 10.08 2.26 -27.02
CA SER B 205 11.32 1.58 -26.67
C SER B 205 11.57 1.57 -25.15
N THR B 206 12.46 0.68 -24.69
CA THR B 206 12.82 0.58 -23.26
C THR B 206 13.36 1.90 -22.72
N SER B 207 14.18 2.62 -23.49
CA SER B 207 14.68 3.94 -23.10
C SER B 207 13.55 4.95 -22.99
N GLY B 208 12.57 4.92 -23.90
CA GLY B 208 11.41 5.80 -23.85
C GLY B 208 10.52 5.54 -22.64
N ILE B 209 10.24 4.27 -22.34
CA ILE B 209 9.49 3.85 -21.14
C ILE B 209 10.18 4.36 -19.87
N VAL B 210 11.50 4.21 -19.73
CA VAL B 210 12.21 4.73 -18.56
C VAL B 210 12.16 6.26 -18.51
N ILE B 211 12.57 6.94 -19.57
CA ILE B 211 12.80 8.40 -19.57
C ILE B 211 11.51 9.20 -19.51
N ARG B 212 10.43 8.75 -20.16
CA ARG B 212 9.17 9.50 -20.31
C ARG B 212 8.00 8.97 -19.47
N HIS B 213 8.05 7.72 -19.00
CA HIS B 213 6.95 7.12 -18.23
C HIS B 213 7.33 6.75 -16.78
N ILE B 214 8.46 6.11 -16.53
CA ILE B 214 8.86 5.73 -15.15
C ILE B 214 9.52 6.90 -14.39
N VAL B 215 10.52 7.57 -14.97
CA VAL B 215 11.27 8.64 -14.29
C VAL B 215 10.38 9.76 -13.75
N PRO B 216 9.44 10.36 -14.50
CA PRO B 216 8.56 11.40 -13.97
C PRO B 216 7.73 10.98 -12.76
N ASN B 217 7.41 9.69 -12.62
CA ASN B 217 6.63 9.15 -11.50
C ASN B 217 7.49 8.65 -10.32
N VAL B 218 8.73 8.21 -10.56
CA VAL B 218 9.71 7.92 -9.51
C VAL B 218 10.25 9.20 -8.87
N LEU B 219 10.29 10.32 -9.61
CA LEU B 219 10.87 11.55 -9.24
C LEU B 219 10.21 12.18 -8.05
N GLY B 220 8.92 11.88 -7.80
CA GLY B 220 8.23 12.40 -6.63
C GLY B 220 8.80 11.86 -5.31
N VAL B 221 8.94 10.54 -5.22
CA VAL B 221 9.55 9.85 -4.07
C VAL B 221 10.99 10.31 -3.85
N VAL B 222 11.78 10.46 -4.92
CA VAL B 222 13.16 10.94 -4.83
C VAL B 222 13.25 12.34 -4.21
N VAL B 223 12.45 13.31 -4.65
CA VAL B 223 12.48 14.68 -4.12
C VAL B 223 12.03 14.74 -2.66
N VAL B 224 11.01 13.98 -2.27
CA VAL B 224 10.53 13.91 -0.88
C VAL B 224 11.60 13.32 0.03
N TYR B 225 12.13 12.13 -0.31
CA TYR B 225 13.14 11.48 0.53
C TYR B 225 14.49 12.20 0.52
N ALA B 226 14.92 12.84 -0.57
CA ALA B 226 16.10 13.69 -0.54
C ALA B 226 15.97 14.83 0.49
N SER B 227 14.80 15.48 0.51
CA SER B 227 14.52 16.59 1.43
C SER B 227 14.46 16.14 2.89
N LEU B 228 13.97 14.92 3.16
CA LEU B 228 13.96 14.29 4.48
C LEU B 228 15.32 13.70 4.89
N LEU B 229 16.21 13.43 3.94
CA LEU B 229 17.52 12.83 4.18
C LEU B 229 18.60 13.85 4.55
N VAL B 230 18.61 15.04 3.95
CA VAL B 230 19.55 16.12 4.30
C VAL B 230 19.66 16.39 5.81
N PRO B 231 18.59 16.51 6.60
CA PRO B 231 18.71 16.73 8.04
C PRO B 231 19.37 15.55 8.76
N SER B 232 19.10 14.31 8.37
CA SER B 232 19.78 13.15 8.95
C SER B 232 21.29 13.18 8.67
N MET B 233 21.72 13.66 7.51
CA MET B 233 23.14 13.80 7.19
C MET B 233 23.81 14.94 7.97
N ILE B 234 23.12 16.05 8.18
CA ILE B 234 23.58 17.14 9.06
C ILE B 234 23.74 16.62 10.49
N LEU B 235 22.79 15.81 10.96
CA LEU B 235 22.85 15.19 12.28
C LEU B 235 23.99 14.16 12.37
N PHE B 236 24.17 13.29 11.37
CA PHE B 236 25.25 12.30 11.33
C PHE B 236 26.62 12.97 11.35
N GLU B 237 26.85 14.01 10.55
CA GLU B 237 28.08 14.80 10.63
C GLU B 237 28.23 15.43 12.01
N SER B 238 27.20 16.12 12.51
CA SER B 238 27.27 16.83 13.79
C SER B 238 27.49 15.90 14.97
N PHE B 239 27.02 14.65 14.89
CA PHE B 239 27.35 13.59 15.84
C PHE B 239 28.82 13.23 15.72
N LEU B 240 29.25 12.82 14.53
CA LEU B 240 30.61 12.38 14.24
C LEU B 240 31.67 13.46 14.53
N SER B 241 31.31 14.75 14.53
CA SER B 241 32.17 15.86 14.92
C SER B 241 32.04 16.31 16.38
N PHE B 242 31.03 15.84 17.12
CA PHE B 242 30.89 16.10 18.56
C PHE B 242 31.84 15.24 19.39
N LEU B 243 32.06 13.97 19.00
CA LEU B 243 32.94 13.05 19.71
C LEU B 243 34.43 13.44 19.64
N GLY B 244 34.80 14.37 18.77
CA GLY B 244 36.15 14.54 18.24
C GLY B 244 36.09 14.27 16.76
N LEU B 245 36.95 13.39 16.24
CA LEU B 245 36.83 12.79 14.90
C LEU B 245 36.49 13.86 13.83
N GLY B 246 35.40 13.71 13.08
CA GLY B 246 34.80 14.78 12.27
C GLY B 246 35.79 15.61 11.44
N THR B 247 35.65 16.94 11.49
CA THR B 247 36.61 17.90 10.91
C THR B 247 37.44 18.58 12.00
N GLN B 248 38.74 18.78 11.74
CA GLN B 248 39.69 19.41 12.65
C GLN B 248 39.49 20.94 12.80
N GLU B 249 40.19 21.54 13.77
CA GLU B 249 40.02 22.94 14.21
C GLU B 249 39.94 24.03 13.11
N PRO B 250 40.74 24.06 12.03
CA PRO B 250 40.65 25.10 11.02
C PRO B 250 39.37 25.01 10.15
N LEU B 251 38.56 23.98 10.32
CA LEU B 251 37.38 23.66 9.51
C LEU B 251 36.24 23.13 10.40
N SER B 252 36.14 23.65 11.63
CA SER B 252 35.20 23.15 12.65
C SER B 252 33.74 23.35 12.26
N SER B 253 32.91 22.33 12.42
CA SER B 253 31.47 22.36 12.15
C SER B 253 30.63 22.69 13.39
N TRP B 254 29.30 22.74 13.29
CA TRP B 254 28.46 23.00 14.46
C TRP B 254 28.63 21.96 15.57
N GLY B 255 28.83 20.68 15.23
CA GLY B 255 29.06 19.63 16.21
C GLY B 255 30.36 19.81 17.00
N ALA B 256 31.42 20.29 16.35
CA ALA B 256 32.68 20.59 17.01
C ALA B 256 32.58 21.80 17.95
N LEU B 257 31.77 22.80 17.62
CA LEU B 257 31.51 23.92 18.54
C LEU B 257 30.71 23.46 19.75
N LEU B 258 29.76 22.53 19.58
CA LEU B 258 28.95 22.00 20.67
C LEU B 258 29.78 21.24 21.72
N SER B 259 30.85 20.55 21.36
CA SER B 259 31.67 19.86 22.36
C SER B 259 32.54 20.84 23.16
N ASP B 260 33.13 21.86 22.54
CA ASP B 260 33.77 22.96 23.26
C ASP B 260 32.77 23.70 24.16
N GLY B 261 31.53 23.84 23.71
CA GLY B 261 30.42 24.36 24.50
C GLY B 261 30.09 23.50 25.70
N ALA B 262 29.93 22.19 25.53
CA ALA B 262 29.57 21.27 26.60
C ALA B 262 30.61 21.26 27.74
N ASN B 263 31.91 21.41 27.41
CA ASN B 263 32.95 21.59 28.42
C ASN B 263 32.87 22.96 29.10
N SER B 264 32.62 24.04 28.35
CA SER B 264 32.62 25.42 28.83
C SER B 264 31.35 25.84 29.61
N MET B 265 30.32 24.99 29.61
CA MET B 265 28.96 25.27 30.04
C MET B 265 28.80 25.80 31.47
N GLU B 266 29.73 25.49 32.38
CA GLU B 266 29.71 25.99 33.76
C GLU B 266 29.96 27.50 33.85
N VAL B 267 30.71 28.08 32.91
CA VAL B 267 31.22 29.47 32.95
C VAL B 267 30.65 30.33 31.82
N SER B 268 30.48 29.77 30.63
CA SER B 268 30.10 30.50 29.41
C SER B 268 29.11 29.69 28.54
N PRO B 269 27.84 29.58 28.95
CA PRO B 269 26.87 28.67 28.35
C PRO B 269 26.44 29.04 26.93
N TRP B 270 26.65 30.28 26.49
CA TRP B 270 26.37 30.70 25.11
C TRP B 270 27.09 29.86 24.06
N LEU B 271 28.22 29.23 24.42
CA LEU B 271 28.97 28.32 23.54
C LEU B 271 28.22 27.01 23.24
N LEU B 272 27.22 26.61 24.03
CA LEU B 272 26.23 25.63 23.58
C LEU B 272 25.10 26.32 22.80
N LEU B 273 24.48 27.33 23.41
CA LEU B 273 23.17 27.82 23.00
C LEU B 273 23.14 28.39 21.57
N PHE B 274 24.20 29.06 21.11
CA PHE B 274 24.24 29.55 19.73
C PHE B 274 24.41 28.41 18.70
N PRO B 275 25.44 27.56 18.74
CA PRO B 275 25.48 26.36 17.91
C PRO B 275 24.24 25.47 17.98
N ALA B 276 23.69 25.23 19.17
CA ALA B 276 22.50 24.43 19.37
C ALA B 276 21.29 25.06 18.69
N GLY B 277 21.10 26.38 18.83
CA GLY B 277 20.02 27.11 18.17
C GLY B 277 20.06 26.94 16.66
N PHE B 278 21.16 27.27 16.01
CA PHE B 278 21.26 27.13 14.55
C PHE B 278 21.07 25.69 14.07
N LEU B 279 21.66 24.70 14.77
CA LEU B 279 21.51 23.30 14.39
C LEU B 279 20.06 22.83 14.54
N VAL B 280 19.43 23.07 15.69
CA VAL B 280 18.04 22.67 15.97
C VAL B 280 17.06 23.34 15.01
N VAL B 281 17.19 24.65 14.75
CA VAL B 281 16.42 25.40 13.83
C VAL B 281 16.53 24.82 12.44
N THR B 282 17.76 24.56 11.98
CA THR B 282 18.01 24.01 10.65
C THR B 282 17.36 22.65 10.47
N LEU B 283 17.53 21.75 11.43
CA LEU B 283 16.92 20.42 11.39
C LEU B 283 15.38 20.50 11.41
N PHE B 284 14.78 21.43 12.16
CA PHE B 284 13.38 21.69 12.19
C PHE B 284 12.89 22.10 10.84
N CYS B 285 13.54 23.03 10.21
CA CYS B 285 13.22 23.60 8.96
C CYS B 285 13.11 22.56 7.88
N PHE B 286 14.15 21.73 7.73
CA PHE B 286 14.16 20.69 6.71
C PHE B 286 13.06 19.65 6.95
N ASN B 287 12.73 19.35 8.21
CA ASN B 287 11.67 18.40 8.52
C ASN B 287 10.30 18.90 8.03
N PHE B 288 9.99 20.18 8.26
CA PHE B 288 8.76 20.80 7.77
C PHE B 288 8.75 21.02 6.25
N ILE B 289 9.89 21.29 5.60
CA ILE B 289 9.96 21.35 4.14
C ILE B 289 9.74 19.97 3.52
N GLY B 290 10.34 18.93 4.09
CA GLY B 290 10.13 17.54 3.70
C GLY B 290 8.69 17.09 3.89
N ASP B 291 8.06 17.38 5.02
CA ASP B 291 6.63 17.11 5.23
C ASP B 291 5.72 17.98 4.34
N GLY B 292 6.11 19.20 4.00
CA GLY B 292 5.41 20.03 3.02
C GLY B 292 5.46 19.43 1.62
N LEU B 293 6.61 18.91 1.19
CA LEU B 293 6.74 18.20 -0.08
C LEU B 293 6.02 16.85 -0.06
N ARG B 294 6.06 16.10 1.05
CA ARG B 294 5.34 14.83 1.21
C ARG B 294 3.84 15.03 0.95
N ASP B 295 3.27 16.03 1.63
CA ASP B 295 1.88 16.48 1.55
C ASP B 295 1.54 16.97 0.13
N ALA B 296 2.41 17.76 -0.48
CA ALA B 296 2.20 18.31 -1.81
C ALA B 296 2.21 17.28 -2.94
N LEU B 297 3.22 16.39 -2.98
CA LEU B 297 3.45 15.48 -4.11
C LEU B 297 2.73 14.13 -3.97
N ASP B 298 2.28 13.72 -2.78
CA ASP B 298 1.61 12.51 -2.47
C ASP B 298 0.55 12.66 -1.42
N PRO B 299 -0.60 13.30 -1.71
CA PRO B 299 -1.74 13.40 -0.78
C PRO B 299 -2.23 12.08 -0.19
N PRO C 10 -51.36 -0.36 0.75
CA PRO C 10 -50.97 1.06 0.64
C PRO C 10 -49.85 1.45 1.61
N LEU C 11 -49.12 2.54 1.34
CA LEU C 11 -47.98 2.95 2.18
C LEU C 11 -48.40 3.39 3.59
N ALA C 12 -49.64 3.88 3.79
CA ALA C 12 -50.18 4.18 5.11
C ALA C 12 -50.24 2.94 6.02
N GLN C 13 -50.47 1.74 5.46
CA GLN C 13 -50.40 0.47 6.17
C GLN C 13 -48.94 0.03 6.39
N GLN C 14 -48.08 0.12 5.36
CA GLN C 14 -46.67 -0.27 5.44
C GLN C 14 -45.86 0.57 6.46
N GLN C 15 -46.32 1.77 6.81
CA GLN C 15 -45.74 2.58 7.88
C GLN C 15 -46.08 2.05 9.30
N ALA C 16 -47.19 1.32 9.44
CA ALA C 16 -47.74 0.91 10.74
C ALA C 16 -47.29 -0.47 11.23
N ASP C 17 -47.20 -1.47 10.36
CA ASP C 17 -46.85 -2.86 10.73
C ASP C 17 -45.34 -3.19 10.58
N ALA C 18 -44.49 -2.17 10.47
CA ALA C 18 -43.08 -2.30 10.16
C ALA C 18 -42.20 -2.84 11.30
N LEU C 19 -41.17 -3.59 10.92
CA LEU C 19 -39.98 -3.88 11.72
C LEU C 19 -39.06 -2.66 11.79
N LEU C 20 -38.82 -2.03 10.64
CA LEU C 20 -37.99 -0.84 10.47
C LEU C 20 -38.76 0.19 9.65
N ASN C 21 -38.76 1.44 10.11
CA ASN C 21 -39.50 2.56 9.53
C ASN C 21 -38.59 3.80 9.52
N VAL C 22 -38.02 4.13 8.37
CA VAL C 22 -37.03 5.20 8.19
C VAL C 22 -37.72 6.41 7.59
N LYS C 23 -37.61 7.56 8.26
CA LYS C 23 -38.23 8.83 7.83
C LYS C 23 -37.19 9.94 7.71
N ASP C 24 -37.18 10.59 6.55
CA ASP C 24 -36.33 11.73 6.22
C ASP C 24 -34.84 11.53 6.55
N LEU C 25 -34.31 10.32 6.34
CA LEU C 25 -32.89 10.04 6.58
C LEU C 25 -32.02 10.89 5.66
N ARG C 26 -31.17 11.73 6.26
CA ARG C 26 -30.22 12.60 5.57
C ARG C 26 -28.82 12.31 6.08
N VAL C 27 -27.90 11.99 5.19
CA VAL C 27 -26.48 11.74 5.51
C VAL C 27 -25.64 12.78 4.80
N THR C 28 -24.85 13.54 5.55
CA THR C 28 -24.00 14.61 5.01
C THR C 28 -22.55 14.44 5.47
N PHE C 29 -21.60 14.59 4.55
CA PHE C 29 -20.17 14.52 4.82
C PHE C 29 -19.51 15.90 4.72
N SER C 30 -18.71 16.25 5.73
CA SER C 30 -18.05 17.55 5.87
C SER C 30 -16.72 17.65 5.10
N THR C 31 -16.70 17.26 3.83
CA THR C 31 -15.49 17.28 2.99
C THR C 31 -15.00 18.71 2.71
N PRO C 32 -13.69 18.97 2.53
CA PRO C 32 -13.15 20.32 2.32
C PRO C 32 -13.75 21.14 1.17
N ASP C 33 -14.25 20.49 0.12
CA ASP C 33 -14.94 21.15 -1.01
C ASP C 33 -16.36 21.66 -0.66
N GLY C 34 -16.83 21.45 0.56
CA GLY C 34 -18.17 21.83 1.05
C GLY C 34 -19.06 20.62 1.33
N ASP C 35 -20.14 20.79 2.09
CA ASP C 35 -20.99 19.68 2.53
C ASP C 35 -21.57 18.87 1.36
N VAL C 36 -21.33 17.54 1.36
CA VAL C 36 -21.88 16.59 0.38
C VAL C 36 -23.00 15.78 1.04
N THR C 37 -24.23 15.94 0.57
CA THR C 37 -25.40 15.20 1.08
C THR C 37 -25.57 13.92 0.28
N ALA C 38 -24.92 12.84 0.72
CA ALA C 38 -24.87 11.56 0.02
C ALA C 38 -26.18 10.77 0.07
N VAL C 39 -27.02 10.98 1.09
CA VAL C 39 -28.39 10.45 1.17
C VAL C 39 -29.30 11.60 1.57
N ASN C 40 -30.43 11.77 0.87
CA ASN C 40 -31.19 13.01 0.87
C ASN C 40 -32.69 12.74 1.09
N ASP C 41 -33.15 12.96 2.32
CA ASP C 41 -34.54 12.81 2.77
C ASP C 41 -35.16 11.45 2.40
N LEU C 42 -34.38 10.38 2.55
CA LEU C 42 -34.78 9.02 2.23
C LEU C 42 -35.87 8.48 3.17
N ASN C 43 -36.94 7.94 2.61
CA ASN C 43 -38.07 7.36 3.34
C ASN C 43 -38.34 5.92 2.86
N PHE C 44 -38.42 4.94 3.76
CA PHE C 44 -38.84 3.57 3.45
C PHE C 44 -39.25 2.79 4.70
N SER C 45 -39.93 1.65 4.52
CA SER C 45 -40.23 0.73 5.62
C SER C 45 -40.20 -0.73 5.19
N LEU C 46 -40.03 -1.63 6.17
CA LEU C 46 -39.70 -3.04 5.99
C LEU C 46 -40.37 -3.87 7.09
N ARG C 47 -40.72 -5.13 6.83
CA ARG C 47 -41.41 -6.05 7.77
C ARG C 47 -40.66 -7.37 7.89
N ALA C 48 -40.92 -8.15 8.92
CA ALA C 48 -40.27 -9.44 9.08
C ALA C 48 -40.51 -10.34 7.86
N GLY C 49 -39.43 -10.91 7.31
CA GLY C 49 -39.48 -11.76 6.11
C GLY C 49 -39.45 -11.02 4.76
N GLU C 50 -39.60 -9.70 4.73
CA GLU C 50 -39.48 -8.91 3.49
C GLU C 50 -38.01 -8.72 3.08
N THR C 51 -37.76 -8.50 1.80
CA THR C 51 -36.47 -8.01 1.29
C THR C 51 -36.63 -6.67 0.59
N LEU C 52 -35.87 -5.67 0.98
CA LEU C 52 -35.75 -4.39 0.28
C LEU C 52 -34.46 -4.37 -0.53
N GLY C 53 -34.56 -4.27 -1.84
CA GLY C 53 -33.43 -4.10 -2.75
C GLY C 53 -33.18 -2.62 -3.01
N ILE C 54 -32.21 -2.02 -2.34
CA ILE C 54 -31.79 -0.64 -2.60
C ILE C 54 -30.80 -0.68 -3.76
N VAL C 55 -31.16 -0.10 -4.90
CA VAL C 55 -30.45 -0.31 -6.16
C VAL C 55 -30.01 1.01 -6.78
N GLY C 56 -28.79 1.01 -7.32
CA GLY C 56 -28.21 2.20 -7.93
C GLY C 56 -26.73 2.05 -8.24
N GLU C 57 -26.21 2.97 -9.04
CA GLU C 57 -24.83 3.05 -9.46
C GLU C 57 -23.92 3.69 -8.39
N SER C 58 -22.65 3.94 -8.70
CA SER C 58 -21.79 4.77 -7.85
C SER C 58 -22.33 6.19 -7.70
N GLY C 59 -22.17 6.80 -6.53
CA GLY C 59 -22.75 8.10 -6.20
C GLY C 59 -24.23 8.06 -5.83
N SER C 60 -24.91 6.92 -5.92
CA SER C 60 -26.32 6.81 -5.48
C SER C 60 -26.50 6.87 -3.97
N GLY C 61 -25.44 6.73 -3.16
CA GLY C 61 -25.51 6.84 -1.70
C GLY C 61 -25.98 5.58 -0.96
N LYS C 62 -26.34 4.52 -1.69
CA LYS C 62 -26.93 3.28 -1.19
C LYS C 62 -26.12 2.57 -0.10
N SER C 63 -24.80 2.59 -0.20
CA SER C 63 -23.90 2.02 0.83
C SER C 63 -23.89 2.86 2.10
N GLN C 64 -24.05 4.17 2.01
CA GLN C 64 -24.10 5.04 3.19
C GLN C 64 -25.40 4.84 3.99
N THR C 65 -26.51 4.48 3.35
CA THR C 65 -27.76 4.13 4.06
C THR C 65 -27.55 2.96 5.02
N ALA C 66 -26.87 1.91 4.57
CA ALA C 66 -26.55 0.75 5.40
C ALA C 66 -25.68 1.13 6.61
N PHE C 67 -24.60 1.88 6.38
CA PHE C 67 -23.71 2.31 7.44
C PHE C 67 -24.38 3.31 8.41
N ALA C 68 -25.30 4.16 7.95
CA ALA C 68 -26.02 5.09 8.81
C ALA C 68 -26.93 4.36 9.81
N LEU C 69 -27.64 3.32 9.38
CA LEU C 69 -28.43 2.47 10.28
C LEU C 69 -27.53 1.72 11.29
N MET C 70 -26.34 1.30 10.88
CA MET C 70 -25.35 0.64 11.75
C MET C 70 -24.52 1.58 12.63
N GLY C 71 -24.51 2.89 12.35
CA GLY C 71 -23.61 3.86 12.98
C GLY C 71 -22.12 3.69 12.61
N LEU C 72 -21.82 3.11 11.44
CA LEU C 72 -20.47 2.81 10.95
C LEU C 72 -19.94 3.85 9.95
N LEU C 73 -20.48 5.07 9.94
CA LEU C 73 -19.99 6.15 9.08
C LEU C 73 -18.55 6.57 9.43
N ALA C 74 -17.89 7.24 8.49
CA ALA C 74 -16.66 7.97 8.74
C ALA C 74 -16.87 9.06 9.81
N ALA C 75 -15.77 9.52 10.40
CA ALA C 75 -15.67 10.50 11.42
C ALA C 75 -16.34 11.78 11.05
N ASN C 76 -16.23 12.19 9.78
CA ASN C 76 -16.70 13.48 9.26
C ASN C 76 -18.17 13.46 8.79
N GLY C 77 -18.87 12.34 8.97
CA GLY C 77 -20.27 12.17 8.62
C GLY C 77 -21.22 12.64 9.71
N ARG C 78 -22.39 13.11 9.30
CA ARG C 78 -23.49 13.61 10.13
C ARG C 78 -24.81 13.03 9.64
N ILE C 79 -25.61 12.50 10.56
CA ILE C 79 -26.90 11.85 10.29
C ILE C 79 -28.04 12.68 10.87
N GLY C 80 -29.07 12.94 10.06
CA GLY C 80 -30.34 13.50 10.48
C GLY C 80 -31.51 12.63 10.04
N GLY C 81 -32.72 12.97 10.50
CA GLY C 81 -33.92 12.16 10.28
C GLY C 81 -34.17 11.17 11.41
N SER C 82 -34.88 10.08 11.11
CA SER C 82 -35.30 9.07 12.09
C SER C 82 -35.30 7.67 11.50
N ALA C 83 -35.06 6.65 12.32
CA ALA C 83 -35.22 5.25 11.98
C ALA C 83 -35.80 4.47 13.17
N THR C 84 -37.12 4.30 13.17
CA THR C 84 -37.83 3.55 14.21
C THR C 84 -37.70 2.04 13.95
N PHE C 85 -37.40 1.27 14.99
CA PHE C 85 -37.13 -0.16 14.93
C PHE C 85 -37.68 -0.89 16.16
N ASN C 86 -38.72 -1.71 15.99
CA ASN C 86 -39.52 -2.28 17.09
C ASN C 86 -39.98 -1.24 18.14
N GLY C 87 -40.24 0.00 17.71
CA GLY C 87 -40.64 1.13 18.56
C GLY C 87 -39.50 1.93 19.20
N ARG C 88 -38.24 1.45 19.18
CA ARG C 88 -37.04 2.23 19.54
C ARG C 88 -36.58 3.09 18.37
N GLU C 89 -35.66 4.03 18.59
CA GLU C 89 -35.06 4.86 17.53
C GLU C 89 -33.55 4.64 17.44
N ILE C 90 -33.02 4.26 16.27
CA ILE C 90 -31.63 3.82 16.11
C ILE C 90 -30.63 4.98 15.92
N LEU C 91 -30.97 5.98 15.10
CA LEU C 91 -29.99 6.96 14.62
C LEU C 91 -29.46 7.84 15.75
N ASN C 92 -28.16 8.15 15.71
CA ASN C 92 -27.44 8.95 16.71
C ASN C 92 -27.48 8.42 18.16
N LEU C 93 -27.80 7.14 18.38
CA LEU C 93 -27.63 6.50 19.69
C LEU C 93 -26.15 6.49 20.11
N PRO C 94 -25.86 6.51 21.43
CA PRO C 94 -24.51 6.32 21.92
C PRO C 94 -24.06 4.87 21.70
N GLU C 95 -22.76 4.64 21.50
CA GLU C 95 -22.22 3.34 21.15
C GLU C 95 -22.54 2.26 22.18
N HIS C 96 -22.57 2.59 23.48
CA HIS C 96 -22.83 1.63 24.55
C HIS C 96 -24.26 1.08 24.52
N GLU C 97 -25.21 1.78 23.92
CA GLU C 97 -26.58 1.30 23.73
C GLU C 97 -26.79 0.69 22.34
N LEU C 98 -26.16 1.26 21.29
CA LEU C 98 -26.26 0.73 19.93
C LEU C 98 -25.60 -0.65 19.79
N ASN C 99 -24.53 -0.90 20.54
CA ASN C 99 -23.92 -2.23 20.64
C ASN C 99 -24.88 -3.30 21.18
N LYS C 100 -25.96 -2.94 21.88
CA LYS C 100 -26.99 -3.89 22.32
C LYS C 100 -27.93 -4.34 21.19
N LEU C 101 -28.03 -3.57 20.10
CA LEU C 101 -28.77 -3.95 18.89
C LEU C 101 -27.91 -4.68 17.84
N ARG C 102 -26.63 -4.30 17.72
CA ARG C 102 -25.78 -4.48 16.52
C ARG C 102 -25.57 -5.91 16.01
N ALA C 103 -25.80 -6.92 16.83
CA ALA C 103 -25.76 -8.33 16.39
C ALA C 103 -26.91 -9.19 16.93
N GLU C 104 -27.54 -8.80 18.04
CA GLU C 104 -28.69 -9.50 18.62
C GLU C 104 -30.00 -9.24 17.85
N GLN C 105 -30.14 -8.07 17.20
CA GLN C 105 -31.37 -7.71 16.48
C GLN C 105 -31.12 -7.18 15.07
N ILE C 106 -30.14 -6.30 14.88
CA ILE C 106 -29.64 -5.86 13.58
C ILE C 106 -28.35 -6.63 13.28
N SER C 107 -27.88 -6.69 12.03
CA SER C 107 -26.62 -7.35 11.65
C SER C 107 -26.18 -6.87 10.27
N MET C 108 -24.90 -7.04 9.91
CA MET C 108 -24.40 -6.61 8.59
C MET C 108 -23.33 -7.52 7.98
N ILE C 109 -23.33 -7.63 6.65
CA ILE C 109 -22.27 -8.22 5.81
C ILE C 109 -21.81 -7.20 4.75
N PHE C 110 -20.55 -7.27 4.32
CA PHE C 110 -19.83 -6.18 3.66
C PHE C 110 -19.28 -6.54 2.26
N GLN C 111 -18.88 -5.52 1.51
CA GLN C 111 -18.51 -5.56 0.10
C GLN C 111 -17.30 -6.44 -0.21
N ASP C 112 -16.21 -6.26 0.53
CA ASP C 112 -14.98 -7.05 0.33
C ASP C 112 -14.86 -8.14 1.40
N PRO C 113 -15.00 -9.43 1.03
CA PRO C 113 -14.79 -10.51 1.99
C PRO C 113 -13.32 -10.77 2.31
N MET C 114 -12.36 -10.27 1.51
CA MET C 114 -10.94 -10.52 1.74
C MET C 114 -10.43 -9.84 3.01
N THR C 115 -10.70 -8.55 3.18
CA THR C 115 -10.20 -7.76 4.32
C THR C 115 -11.17 -7.61 5.50
N SER C 116 -12.40 -8.13 5.42
CA SER C 116 -13.40 -7.95 6.48
C SER C 116 -13.16 -8.83 7.71
N LEU C 117 -12.67 -10.06 7.55
CA LEU C 117 -12.26 -10.90 8.68
C LEU C 117 -10.89 -10.45 9.20
N ASN C 118 -10.65 -10.55 10.50
CA ASN C 118 -9.35 -10.19 11.08
C ASN C 118 -8.29 -11.24 10.72
N PRO C 119 -7.20 -10.90 10.00
CA PRO C 119 -6.24 -11.91 9.57
C PRO C 119 -5.40 -12.49 10.72
N TYR C 120 -5.40 -11.85 11.89
CA TYR C 120 -4.59 -12.24 13.05
C TYR C 120 -5.33 -13.12 14.07
N MET C 121 -6.50 -13.68 13.72
CA MET C 121 -7.33 -14.49 14.62
C MET C 121 -7.91 -15.73 13.96
N ARG C 122 -8.01 -16.82 14.73
CA ARG C 122 -8.63 -18.08 14.29
C ARG C 122 -10.12 -17.87 14.10
N VAL C 123 -10.68 -18.29 12.95
CA VAL C 123 -12.07 -17.99 12.55
C VAL C 123 -13.09 -18.43 13.59
N GLY C 124 -12.86 -19.55 14.27
CA GLY C 124 -13.74 -20.03 15.33
C GLY C 124 -13.89 -19.04 16.48
N GLU C 125 -12.82 -18.36 16.89
CA GLU C 125 -12.93 -17.33 17.92
C GLU C 125 -13.63 -16.08 17.41
N GLN C 126 -13.45 -15.73 16.12
CA GLN C 126 -14.15 -14.60 15.51
C GLN C 126 -15.67 -14.79 15.48
N LEU C 127 -16.16 -16.03 15.41
CA LEU C 127 -17.58 -16.37 15.61
C LEU C 127 -17.94 -16.37 17.10
N MET C 128 -17.19 -17.10 17.93
CA MET C 128 -17.55 -17.29 19.35
C MET C 128 -17.65 -15.99 20.14
N GLU C 129 -16.86 -14.96 19.81
CA GLU C 129 -16.94 -13.67 20.51
C GLU C 129 -18.30 -12.97 20.39
N VAL C 130 -19.10 -13.29 19.38
CA VAL C 130 -20.48 -12.80 19.30
C VAL C 130 -21.33 -13.45 20.39
N LEU C 131 -21.34 -14.78 20.46
CA LEU C 131 -22.21 -15.54 21.37
C LEU C 131 -21.87 -15.32 22.84
N MET C 132 -20.59 -15.25 23.18
CA MET C 132 -20.14 -15.05 24.56
C MET C 132 -20.48 -13.65 25.10
N LEU C 133 -20.62 -12.65 24.22
CA LEU C 133 -21.01 -11.29 24.60
C LEU C 133 -22.54 -11.10 24.62
N HIS C 134 -23.26 -11.56 23.60
CA HIS C 134 -24.69 -11.27 23.43
C HIS C 134 -25.64 -12.29 24.09
N LYS C 135 -25.25 -13.57 24.15
CA LYS C 135 -26.07 -14.65 24.72
C LYS C 135 -25.50 -15.25 26.01
N ASN C 136 -24.45 -14.63 26.58
CA ASN C 136 -23.79 -15.05 27.82
C ASN C 136 -23.34 -16.53 27.85
N MET C 137 -23.05 -17.12 26.69
CA MET C 137 -22.64 -18.52 26.59
C MET C 137 -21.27 -18.77 27.23
N SER C 138 -21.04 -19.98 27.75
CA SER C 138 -19.68 -20.47 28.00
C SER C 138 -18.90 -20.65 26.70
N LYS C 139 -17.58 -20.71 26.78
CA LYS C 139 -16.73 -21.02 25.62
C LYS C 139 -17.01 -22.41 25.03
N ALA C 140 -17.58 -23.33 25.81
CA ALA C 140 -17.95 -24.66 25.33
C ALA C 140 -19.21 -24.65 24.48
N GLU C 141 -20.27 -23.97 24.95
CA GLU C 141 -21.52 -23.83 24.19
C GLU C 141 -21.32 -23.01 22.91
N ALA C 142 -20.52 -21.95 22.98
CA ALA C 142 -20.25 -21.07 21.85
C ALA C 142 -19.58 -21.80 20.69
N PHE C 143 -18.71 -22.78 20.95
CA PHE C 143 -18.06 -23.57 19.92
C PHE C 143 -19.06 -24.45 19.15
N GLU C 144 -19.89 -25.22 19.86
CA GLU C 144 -20.85 -26.13 19.23
C GLU C 144 -21.93 -25.37 18.43
N GLU C 145 -22.43 -24.25 18.94
CA GLU C 145 -23.38 -23.42 18.19
C GLU C 145 -22.74 -22.77 16.95
N SER C 146 -21.46 -22.38 17.04
CA SER C 146 -20.71 -21.89 15.88
C SER C 146 -20.55 -22.97 14.82
N VAL C 147 -20.26 -24.21 15.21
CA VAL C 147 -20.18 -25.35 14.30
C VAL C 147 -21.53 -25.64 13.63
N ARG C 148 -22.65 -25.65 14.38
CA ARG C 148 -23.99 -25.82 13.79
C ARG C 148 -24.31 -24.71 12.79
N MET C 149 -23.92 -23.47 13.05
CA MET C 149 -24.17 -22.38 12.10
C MET C 149 -23.30 -22.48 10.84
N LEU C 150 -22.03 -22.88 10.95
CA LEU C 150 -21.20 -23.16 9.79
C LEU C 150 -21.78 -24.29 8.93
N ASP C 151 -22.30 -25.37 9.52
CA ASP C 151 -23.01 -26.41 8.78
C ASP C 151 -24.30 -25.89 8.12
N ALA C 152 -25.09 -25.05 8.78
CA ALA C 152 -26.28 -24.43 8.17
C ALA C 152 -25.92 -23.56 6.96
N VAL C 153 -24.78 -22.88 7.03
CA VAL C 153 -24.15 -22.09 5.96
C VAL C 153 -23.45 -22.95 4.88
N LYS C 154 -23.52 -24.28 4.99
CA LYS C 154 -22.97 -25.27 4.05
C LYS C 154 -21.44 -25.25 3.95
N MET C 155 -20.76 -24.86 5.02
CA MET C 155 -19.31 -24.99 5.17
C MET C 155 -18.90 -26.48 5.26
N PRO C 156 -17.93 -26.97 4.47
CA PRO C 156 -17.42 -28.34 4.60
C PRO C 156 -16.50 -28.48 5.82
N GLU C 157 -16.49 -29.65 6.49
CA GLU C 157 -15.71 -30.00 7.61
C GLU C 157 -15.62 -28.86 8.60
N ALA C 158 -16.76 -28.40 9.13
CA ALA C 158 -16.84 -27.17 9.92
C ALA C 158 -15.88 -27.14 11.13
N ARG C 159 -15.74 -28.26 11.85
CA ARG C 159 -14.91 -28.33 13.06
C ARG C 159 -13.43 -28.04 12.78
N LYS C 160 -12.88 -28.53 11.66
CA LYS C 160 -11.57 -28.33 11.20
C LYS C 160 -11.34 -26.91 10.77
N ARG C 161 -12.34 -26.28 10.12
CA ARG C 161 -12.25 -24.87 9.70
C ARG C 161 -12.14 -23.89 10.87
N MET C 162 -12.74 -24.18 12.04
CA MET C 162 -12.70 -23.31 13.22
C MET C 162 -11.29 -22.87 13.63
N LYS C 163 -10.30 -23.76 13.50
CA LYS C 163 -8.92 -23.51 13.90
C LYS C 163 -8.07 -22.83 12.81
N MET C 164 -8.65 -22.53 11.64
CA MET C 164 -7.95 -21.82 10.55
C MET C 164 -7.99 -20.31 10.72
N TYR C 165 -6.90 -19.64 10.34
CA TYR C 165 -6.87 -18.20 10.11
C TYR C 165 -7.50 -17.88 8.74
N PRO C 166 -8.10 -16.70 8.51
CA PRO C 166 -8.91 -16.49 7.31
C PRO C 166 -8.12 -16.40 6.01
N HIS C 167 -6.79 -16.26 6.02
CA HIS C 167 -5.99 -16.37 4.80
C HIS C 167 -5.94 -17.80 4.23
N GLU C 168 -6.34 -18.82 5.00
CA GLU C 168 -6.50 -20.19 4.51
C GLU C 168 -7.74 -20.36 3.59
N PHE C 169 -8.63 -19.37 3.54
CA PHE C 169 -9.94 -19.45 2.89
C PHE C 169 -10.05 -18.62 1.60
N SER C 170 -10.76 -19.15 0.62
CA SER C 170 -11.20 -18.43 -0.58
C SER C 170 -12.25 -17.36 -0.27
N GLY C 171 -12.43 -16.38 -1.15
CA GLY C 171 -13.36 -15.26 -0.93
C GLY C 171 -14.81 -15.69 -0.71
N GLY C 172 -15.25 -16.77 -1.37
CA GLY C 172 -16.58 -17.34 -1.17
C GLY C 172 -16.76 -17.95 0.22
N MET C 173 -15.75 -18.66 0.72
CA MET C 173 -15.78 -19.16 2.09
C MET C 173 -15.71 -18.03 3.12
N ARG C 174 -14.98 -16.94 2.85
CA ARG C 174 -14.97 -15.78 3.74
C ARG C 174 -16.34 -15.09 3.82
N GLN C 175 -17.12 -14.99 2.72
CA GLN C 175 -18.51 -14.53 2.85
C GLN C 175 -19.38 -15.52 3.63
N ARG C 176 -19.18 -16.84 3.47
CA ARG C 176 -19.87 -17.82 4.31
C ARG C 176 -19.56 -17.61 5.79
N VAL C 177 -18.31 -17.40 6.16
CA VAL C 177 -17.93 -17.05 7.54
C VAL C 177 -18.63 -15.76 7.99
N MET C 178 -18.66 -14.72 7.15
CA MET C 178 -19.37 -13.47 7.46
C MET C 178 -20.88 -13.67 7.68
N ILE C 179 -21.54 -14.49 6.86
CA ILE C 179 -22.97 -14.77 7.00
C ILE C 179 -23.25 -15.59 8.25
N ALA C 180 -22.41 -16.60 8.54
CA ALA C 180 -22.51 -17.38 9.76
C ALA C 180 -22.35 -16.49 11.00
N MET C 181 -21.41 -15.56 10.97
CA MET C 181 -21.11 -14.61 12.03
C MET C 181 -22.22 -13.57 12.21
N ALA C 182 -22.80 -13.04 11.13
CA ALA C 182 -23.90 -12.09 11.18
C ALA C 182 -25.20 -12.72 11.69
N LEU C 183 -25.55 -13.92 11.20
CA LEU C 183 -26.79 -14.61 11.56
C LEU C 183 -26.72 -15.40 12.87
N LEU C 184 -25.58 -15.43 13.57
CA LEU C 184 -25.33 -16.35 14.68
C LEU C 184 -26.37 -16.22 15.80
N CYS C 185 -26.74 -14.99 16.16
CA CYS C 185 -27.75 -14.70 17.18
C CYS C 185 -29.22 -14.90 16.74
N ARG C 186 -29.47 -15.22 15.46
CA ARG C 186 -30.77 -15.16 14.77
C ARG C 186 -31.39 -13.74 14.79
N PRO C 187 -30.83 -12.78 14.02
CA PRO C 187 -31.30 -11.39 13.95
C PRO C 187 -32.76 -11.23 13.51
N LYS C 188 -33.31 -10.02 13.66
CA LYS C 188 -34.54 -9.59 12.98
C LYS C 188 -34.23 -9.04 11.58
N LEU C 189 -33.10 -8.34 11.43
CA LEU C 189 -32.68 -7.67 10.19
C LEU C 189 -31.22 -8.00 9.84
N LEU C 190 -30.97 -8.30 8.57
CA LEU C 190 -29.63 -8.39 7.98
C LEU C 190 -29.46 -7.32 6.90
N ILE C 191 -28.38 -6.55 6.95
CA ILE C 191 -28.05 -5.53 5.96
C ILE C 191 -26.86 -6.03 5.14
N ALA C 192 -26.93 -5.94 3.81
CA ALA C 192 -26.00 -6.58 2.90
C ALA C 192 -25.45 -5.59 1.87
N ASP C 193 -24.28 -5.02 2.15
CA ASP C 193 -23.59 -4.08 1.27
C ASP C 193 -22.80 -4.81 0.17
N GLU C 194 -23.39 -4.96 -1.03
CA GLU C 194 -22.78 -5.54 -2.23
C GLU C 194 -22.05 -6.89 -2.02
N PRO C 195 -22.64 -7.90 -1.35
CA PRO C 195 -21.89 -9.06 -0.85
C PRO C 195 -21.10 -9.85 -1.90
N THR C 196 -21.60 -9.87 -3.13
CA THR C 196 -21.10 -10.73 -4.21
C THR C 196 -20.31 -10.00 -5.28
N THR C 197 -20.10 -8.68 -5.19
CA THR C 197 -19.41 -7.91 -6.24
C THR C 197 -17.95 -8.35 -6.46
N ALA C 198 -17.30 -8.88 -5.42
CA ALA C 198 -15.93 -9.37 -5.46
C ALA C 198 -15.78 -10.84 -5.92
N LEU C 199 -16.89 -11.54 -6.20
CA LEU C 199 -16.95 -13.00 -6.32
C LEU C 199 -17.43 -13.47 -7.69
N ASP C 200 -17.02 -14.68 -8.10
CA ASP C 200 -17.42 -15.28 -9.37
C ASP C 200 -18.92 -15.64 -9.41
N VAL C 201 -19.45 -15.85 -10.62
CA VAL C 201 -20.88 -16.06 -10.87
C VAL C 201 -21.43 -17.30 -10.16
N THR C 202 -20.68 -18.39 -10.07
CA THR C 202 -21.13 -19.61 -9.41
C THR C 202 -21.17 -19.45 -7.89
N VAL C 203 -20.14 -18.86 -7.27
CA VAL C 203 -20.14 -18.52 -5.85
C VAL C 203 -21.26 -17.52 -5.51
N GLN C 204 -21.52 -16.54 -6.37
CA GLN C 204 -22.67 -15.65 -6.23
C GLN C 204 -24.00 -16.42 -6.21
N ALA C 205 -24.25 -17.32 -7.18
CA ALA C 205 -25.47 -18.10 -7.22
C ALA C 205 -25.65 -19.00 -5.98
N GLN C 206 -24.57 -19.58 -5.45
CA GLN C 206 -24.61 -20.30 -4.18
C GLN C 206 -25.01 -19.39 -3.01
N ILE C 207 -24.33 -18.26 -2.81
CA ILE C 207 -24.57 -17.38 -1.65
C ILE C 207 -25.97 -16.77 -1.73
N MET C 208 -26.48 -16.39 -2.90
CA MET C 208 -27.86 -15.90 -3.01
C MET C 208 -28.90 -16.99 -2.75
N THR C 209 -28.62 -18.23 -3.16
CA THR C 209 -29.50 -19.37 -2.84
C THR C 209 -29.50 -19.64 -1.34
N LEU C 210 -28.32 -19.57 -0.69
CA LEU C 210 -28.17 -19.70 0.75
C LEU C 210 -28.95 -18.63 1.51
N LEU C 211 -28.80 -17.34 1.17
CA LEU C 211 -29.56 -16.27 1.82
C LEU C 211 -31.07 -16.44 1.59
N ASN C 212 -31.51 -16.85 0.40
CA ASN C 212 -32.92 -17.10 0.13
C ASN C 212 -33.52 -18.27 0.95
N GLU C 213 -32.72 -19.26 1.35
CA GLU C 213 -33.14 -20.32 2.29
C GLU C 213 -33.05 -19.88 3.76
N LEU C 214 -31.96 -19.25 4.19
CA LEU C 214 -31.80 -18.79 5.58
C LEU C 214 -32.79 -17.68 5.96
N LYS C 215 -33.20 -16.83 5.01
CA LYS C 215 -34.30 -15.87 5.18
C LYS C 215 -35.60 -16.55 5.63
N ARG C 216 -35.88 -17.77 5.13
CA ARG C 216 -37.10 -18.53 5.43
C ARG C 216 -36.98 -19.34 6.72
N GLU C 217 -35.80 -19.85 7.06
CA GLU C 217 -35.60 -20.61 8.30
C GLU C 217 -35.57 -19.71 9.55
N PHE C 218 -34.83 -18.60 9.51
CA PHE C 218 -34.68 -17.68 10.65
C PHE C 218 -35.70 -16.53 10.67
N ASN C 219 -36.49 -16.37 9.60
CA ASN C 219 -37.48 -15.29 9.42
C ASN C 219 -36.90 -13.86 9.47
N THR C 220 -35.63 -13.68 9.06
CA THR C 220 -34.99 -12.37 8.93
C THR C 220 -35.62 -11.53 7.82
N ALA C 221 -35.66 -10.21 8.00
CA ALA C 221 -35.75 -9.27 6.90
C ALA C 221 -34.35 -9.01 6.31
N ILE C 222 -34.26 -8.61 5.04
CA ILE C 222 -32.99 -8.30 4.40
C ILE C 222 -33.05 -6.94 3.71
N ILE C 223 -32.04 -6.10 3.90
CA ILE C 223 -31.77 -4.94 3.03
C ILE C 223 -30.59 -5.31 2.14
N MET C 224 -30.85 -5.49 0.85
CA MET C 224 -29.87 -5.92 -0.14
C MET C 224 -29.45 -4.71 -0.96
N ILE C 225 -28.18 -4.33 -0.87
CA ILE C 225 -27.64 -3.15 -1.56
C ILE C 225 -26.83 -3.63 -2.76
N THR C 226 -27.18 -3.25 -3.99
CA THR C 226 -26.40 -3.67 -5.17
C THR C 226 -26.58 -2.77 -6.39
N HIS C 227 -25.65 -2.86 -7.34
CA HIS C 227 -25.79 -2.34 -8.70
C HIS C 227 -26.47 -3.34 -9.65
N ASP C 228 -26.52 -4.63 -9.29
CA ASP C 228 -26.98 -5.71 -10.14
C ASP C 228 -28.47 -6.00 -9.97
N LEU C 229 -29.33 -5.42 -10.82
CA LEU C 229 -30.76 -5.72 -10.89
C LEU C 229 -31.01 -7.23 -11.02
N VAL C 230 -30.11 -7.91 -11.72
CA VAL C 230 -30.11 -9.36 -11.90
C VAL C 230 -30.04 -10.12 -10.56
N VAL C 231 -29.26 -9.64 -9.59
CA VAL C 231 -29.19 -10.23 -8.23
C VAL C 231 -30.39 -9.82 -7.39
N VAL C 232 -30.86 -8.57 -7.53
CA VAL C 232 -32.09 -8.10 -6.86
C VAL C 232 -33.28 -8.99 -7.22
N ALA C 233 -33.45 -9.38 -8.48
CA ALA C 233 -34.57 -10.21 -8.94
C ALA C 233 -34.70 -11.56 -8.22
N GLY C 234 -33.64 -12.08 -7.60
CA GLY C 234 -33.67 -13.32 -6.84
C GLY C 234 -34.24 -13.16 -5.42
N ILE C 235 -33.65 -12.29 -4.61
CA ILE C 235 -33.95 -12.19 -3.17
C ILE C 235 -35.07 -11.16 -2.86
N CYS C 236 -35.28 -10.17 -3.74
CA CYS C 236 -36.06 -8.96 -3.47
C CYS C 236 -37.59 -9.15 -3.51
N ASP C 237 -38.29 -8.39 -2.66
CA ASP C 237 -39.74 -8.19 -2.70
C ASP C 237 -40.14 -6.72 -2.94
N LYS C 238 -39.32 -5.75 -2.51
CA LYS C 238 -39.56 -4.31 -2.67
C LYS C 238 -38.29 -3.62 -3.15
N VAL C 239 -38.35 -2.83 -4.21
CA VAL C 239 -37.18 -2.18 -4.83
C VAL C 239 -37.18 -0.69 -4.52
N LEU C 240 -35.99 -0.12 -4.31
CA LEU C 240 -35.79 1.29 -4.00
C LEU C 240 -34.66 1.83 -4.87
N VAL C 241 -35.01 2.37 -6.04
CA VAL C 241 -34.05 2.91 -7.00
C VAL C 241 -33.57 4.27 -6.51
N MET C 242 -32.25 4.48 -6.43
CA MET C 242 -31.66 5.73 -5.97
C MET C 242 -30.69 6.32 -6.99
N TYR C 243 -30.71 7.65 -7.13
CA TYR C 243 -29.76 8.41 -7.95
C TYR C 243 -29.36 9.69 -7.21
N ALA C 244 -28.07 10.00 -7.15
CA ALA C 244 -27.50 11.14 -6.43
C ALA C 244 -28.05 11.34 -5.00
N GLY C 245 -28.26 10.24 -4.28
CA GLY C 245 -28.77 10.23 -2.91
C GLY C 245 -30.27 10.37 -2.74
N ARG C 246 -31.04 10.46 -3.83
CA ARG C 246 -32.49 10.71 -3.84
C ARG C 246 -33.27 9.52 -4.39
N THR C 247 -34.44 9.24 -3.81
CA THR C 247 -35.35 8.18 -4.26
C THR C 247 -35.92 8.50 -5.64
N MET C 248 -35.71 7.60 -6.60
CA MET C 248 -36.21 7.72 -7.96
C MET C 248 -37.49 6.90 -8.18
N GLU C 249 -37.58 5.72 -7.57
CA GLU C 249 -38.76 4.85 -7.63
C GLU C 249 -38.78 3.93 -6.41
N TYR C 250 -39.96 3.63 -5.87
CA TYR C 250 -40.16 2.59 -4.85
C TYR C 250 -41.42 1.78 -5.16
N GLY C 251 -41.39 0.49 -4.92
CA GLY C 251 -42.55 -0.38 -5.12
C GLY C 251 -42.22 -1.87 -5.09
N ASN C 252 -43.21 -2.73 -5.36
CA ASN C 252 -43.00 -4.16 -5.48
C ASN C 252 -41.99 -4.50 -6.59
N ALA C 253 -41.19 -5.55 -6.38
CA ALA C 253 -40.16 -5.95 -7.33
C ALA C 253 -40.73 -6.28 -8.70
N ARG C 254 -41.88 -6.97 -8.77
CA ARG C 254 -42.57 -7.31 -9.96
C ARG C 254 -42.97 -6.09 -10.74
N ASP C 255 -43.52 -5.12 -10.11
CA ASP C 255 -43.98 -3.90 -10.66
C ASP C 255 -42.87 -3.08 -11.25
N VAL C 256 -41.78 -2.89 -10.49
CA VAL C 256 -40.62 -2.09 -10.91
C VAL C 256 -39.90 -2.75 -12.07
N PHE C 257 -39.78 -4.08 -12.10
CA PHE C 257 -39.12 -4.79 -13.19
C PHE C 257 -39.97 -4.92 -14.47
N TYR C 258 -41.30 -4.97 -14.39
CA TYR C 258 -42.17 -5.14 -15.57
C TYR C 258 -42.89 -3.86 -16.03
N GLN C 259 -43.16 -2.89 -15.16
CA GLN C 259 -43.70 -1.58 -15.51
C GLN C 259 -42.89 -0.47 -14.83
N PRO C 260 -41.58 -0.30 -15.12
CA PRO C 260 -40.76 0.72 -14.48
C PRO C 260 -41.27 2.10 -14.84
N VAL C 261 -41.68 2.91 -13.85
CA VAL C 261 -42.36 4.18 -14.16
C VAL C 261 -41.43 5.40 -14.23
N HIS C 262 -40.22 5.37 -13.68
CA HIS C 262 -39.30 6.50 -13.69
C HIS C 262 -38.24 6.34 -14.79
N PRO C 263 -37.95 7.36 -15.63
CA PRO C 263 -37.00 7.26 -16.76
C PRO C 263 -35.67 6.60 -16.45
N TYR C 264 -35.05 6.87 -15.30
CA TYR C 264 -33.80 6.24 -14.86
C TYR C 264 -33.95 4.74 -14.58
N SER C 265 -35.09 4.32 -14.04
CA SER C 265 -35.41 2.92 -13.90
C SER C 265 -35.54 2.27 -15.28
N ILE C 266 -36.21 2.93 -16.23
CA ILE C 266 -36.31 2.46 -17.61
C ILE C 266 -34.92 2.36 -18.25
N GLY C 267 -34.09 3.39 -18.14
CA GLY C 267 -32.76 3.40 -18.74
C GLY C 267 -31.83 2.35 -18.14
N LEU C 268 -31.88 2.16 -16.82
CA LEU C 268 -31.07 1.17 -16.12
C LEU C 268 -31.51 -0.26 -16.47
N LEU C 269 -32.80 -0.57 -16.47
CA LEU C 269 -33.28 -1.92 -16.84
C LEU C 269 -33.12 -2.22 -18.33
N ASN C 270 -33.01 -1.22 -19.20
CA ASN C 270 -32.58 -1.41 -20.59
C ASN C 270 -31.06 -1.53 -20.74
N ALA C 271 -30.26 -0.83 -19.93
CA ALA C 271 -28.79 -0.92 -19.95
C ALA C 271 -28.26 -2.22 -19.34
N VAL C 272 -28.97 -2.82 -18.38
CA VAL C 272 -28.66 -4.16 -17.86
C VAL C 272 -28.79 -5.19 -18.99
N PRO C 273 -27.72 -5.93 -19.33
CA PRO C 273 -27.74 -6.88 -20.42
C PRO C 273 -28.56 -8.14 -20.09
N ARG C 274 -29.00 -8.85 -21.13
CA ARG C 274 -29.92 -10.01 -21.07
C ARG C 274 -29.44 -11.19 -21.92
N LEU C 275 -29.73 -12.39 -21.44
CA LEU C 275 -29.56 -13.64 -22.20
C LEU C 275 -30.80 -14.00 -23.04
N ASP C 276 -32.01 -13.61 -22.60
CA ASP C 276 -33.27 -14.22 -23.07
C ASP C 276 -33.76 -13.77 -24.45
N ALA C 277 -33.28 -12.64 -24.98
CA ALA C 277 -33.67 -12.12 -26.29
C ALA C 277 -32.50 -11.41 -27.00
N GLU C 278 -32.47 -11.49 -28.33
CA GLU C 278 -31.43 -10.90 -29.18
C GLU C 278 -31.80 -9.45 -29.58
N GLY C 279 -30.81 -8.59 -29.86
CA GLY C 279 -31.03 -7.18 -30.23
C GLY C 279 -29.79 -6.48 -30.78
N GLU C 280 -29.99 -5.38 -31.50
CA GLU C 280 -28.94 -4.68 -32.26
C GLU C 280 -28.00 -3.85 -31.38
N THR C 281 -28.52 -3.09 -30.42
CA THR C 281 -27.76 -2.23 -29.49
C THR C 281 -28.42 -2.16 -28.11
N MET C 282 -27.65 -1.87 -27.06
CA MET C 282 -28.20 -1.61 -25.73
C MET C 282 -28.66 -0.16 -25.64
N LEU C 283 -29.88 0.11 -25.16
CA LEU C 283 -30.43 1.47 -25.10
C LEU C 283 -29.92 2.24 -23.87
N THR C 284 -28.63 2.57 -23.88
CA THR C 284 -27.91 3.22 -22.78
C THR C 284 -28.44 4.61 -22.41
N ILE C 285 -28.31 4.99 -21.13
CA ILE C 285 -28.50 6.36 -20.65
C ILE C 285 -27.29 7.21 -21.05
N PRO C 286 -27.45 8.36 -21.72
CA PRO C 286 -26.34 9.22 -22.12
C PRO C 286 -25.68 9.95 -20.93
N GLY C 287 -24.54 10.60 -21.17
CA GLY C 287 -23.85 11.43 -20.19
C GLY C 287 -23.05 10.67 -19.13
N ASN C 288 -22.29 11.42 -18.34
CA ASN C 288 -21.40 10.94 -17.28
C ASN C 288 -22.18 10.59 -15.99
N PRO C 289 -21.60 9.79 -15.06
CA PRO C 289 -22.19 9.58 -13.74
C PRO C 289 -22.22 10.89 -12.92
N PRO C 290 -23.08 10.99 -11.90
CA PRO C 290 -23.33 12.25 -11.21
C PRO C 290 -22.18 12.61 -10.25
N ASN C 291 -21.91 13.91 -10.10
CA ASN C 291 -21.08 14.44 -9.02
C ASN C 291 -21.98 15.08 -7.97
N LEU C 292 -21.79 14.73 -6.69
CA LEU C 292 -22.61 15.26 -5.60
C LEU C 292 -22.24 16.71 -5.25
N LEU C 293 -20.97 17.09 -5.41
CA LEU C 293 -20.55 18.49 -5.49
C LEU C 293 -21.06 19.07 -6.82
N ARG C 294 -21.63 20.27 -6.81
CA ARG C 294 -22.21 20.93 -8.00
C ARG C 294 -23.19 20.04 -8.81
N LEU C 295 -23.93 19.18 -8.11
CA LEU C 295 -25.11 18.47 -8.62
C LEU C 295 -26.18 19.50 -9.06
N PRO C 296 -26.86 19.32 -10.20
CA PRO C 296 -27.84 20.29 -10.66
C PRO C 296 -29.03 20.37 -9.71
N LYS C 297 -29.49 21.59 -9.44
CA LYS C 297 -30.72 21.85 -8.66
C LYS C 297 -31.96 21.26 -9.36
N GLY C 298 -32.97 20.94 -8.57
CA GLY C 298 -34.14 20.21 -9.05
C GLY C 298 -33.86 18.72 -9.22
N CYS C 299 -34.35 18.10 -10.28
CA CYS C 299 -34.16 16.67 -10.51
C CYS C 299 -32.70 16.34 -10.88
N PRO C 300 -32.05 15.35 -10.21
CA PRO C 300 -30.64 15.07 -10.45
C PRO C 300 -30.36 14.40 -11.79
N PHE C 301 -31.35 13.76 -12.41
CA PHE C 301 -31.25 13.09 -13.70
C PHE C 301 -31.41 14.03 -14.91
N GLN C 302 -31.62 15.33 -14.67
CA GLN C 302 -31.87 16.32 -15.72
C GLN C 302 -30.81 16.35 -16.84
N PRO C 303 -29.49 16.29 -16.57
CA PRO C 303 -28.52 16.34 -17.67
C PRO C 303 -28.44 15.06 -18.53
N ARG C 304 -29.19 14.01 -18.19
CA ARG C 304 -29.19 12.70 -18.86
C ARG C 304 -30.56 12.30 -19.41
N CYS C 305 -31.64 12.88 -18.89
CA CYS C 305 -33.00 12.41 -19.13
C CYS C 305 -33.49 12.68 -20.57
N PRO C 306 -34.12 11.70 -21.24
CA PRO C 306 -34.71 11.91 -22.55
C PRO C 306 -35.99 12.75 -22.56
N HIS C 307 -36.67 12.94 -21.42
CA HIS C 307 -37.96 13.62 -21.34
C HIS C 307 -37.88 14.98 -20.65
N ALA C 308 -36.69 15.58 -20.52
CA ALA C 308 -36.47 16.80 -19.74
C ALA C 308 -37.35 17.99 -20.16
N MET C 309 -37.83 18.76 -19.17
CA MET C 309 -38.73 19.90 -19.30
C MET C 309 -38.34 21.00 -18.30
N GLU C 310 -38.67 22.27 -18.56
CA GLU C 310 -38.17 23.40 -17.76
C GLU C 310 -38.56 23.34 -16.26
N ILE C 311 -39.71 22.73 -15.95
CA ILE C 311 -40.19 22.49 -14.58
C ILE C 311 -39.24 21.63 -13.74
N CYS C 312 -38.39 20.81 -14.37
CA CYS C 312 -37.44 19.92 -13.69
C CYS C 312 -36.29 20.65 -13.01
N SER C 313 -36.18 21.97 -13.22
CA SER C 313 -35.32 22.87 -12.43
C SER C 313 -35.80 23.05 -10.98
N SER C 314 -37.04 22.65 -10.68
CA SER C 314 -37.57 22.46 -9.32
C SER C 314 -37.46 21.00 -8.87
N ALA C 315 -37.48 20.73 -7.58
CA ALA C 315 -37.37 19.36 -7.06
C ALA C 315 -38.71 18.60 -7.20
N PRO C 316 -38.74 17.42 -7.86
CA PRO C 316 -39.98 16.69 -8.04
C PRO C 316 -40.46 16.04 -6.72
N PRO C 317 -41.77 16.00 -6.46
CA PRO C 317 -42.32 15.41 -5.26
C PRO C 317 -42.31 13.88 -5.32
N LEU C 318 -42.08 13.22 -4.18
CA LEU C 318 -42.15 11.77 -4.03
C LEU C 318 -43.61 11.33 -3.84
N GLU C 319 -44.44 11.48 -4.88
CA GLU C 319 -45.86 11.13 -4.87
C GLU C 319 -46.14 9.65 -5.16
N GLU C 320 -47.32 9.16 -4.76
CA GLU C 320 -47.87 7.86 -5.14
C GLU C 320 -48.96 8.00 -6.20
N PHE C 321 -49.03 7.06 -7.14
CA PHE C 321 -49.93 7.09 -8.30
C PHE C 321 -50.89 5.90 -8.32
N THR C 322 -50.35 4.68 -8.21
CA THR C 322 -50.99 3.43 -8.05
C THR C 322 -50.70 2.85 -6.69
N PRO C 323 -51.69 2.52 -5.84
CA PRO C 323 -51.44 2.16 -4.46
C PRO C 323 -50.32 1.15 -4.23
N GLY C 324 -49.29 1.56 -3.48
CA GLY C 324 -48.11 0.73 -3.19
C GLY C 324 -46.82 1.13 -3.91
N ARG C 325 -46.81 2.22 -4.69
CA ARG C 325 -45.63 2.70 -5.44
C ARG C 325 -45.38 4.20 -5.28
N LEU C 326 -44.13 4.64 -5.46
CA LEU C 326 -43.72 6.06 -5.46
C LEU C 326 -42.97 6.43 -6.74
N ARG C 327 -43.18 7.65 -7.25
CA ARG C 327 -42.84 8.05 -8.63
C ARG C 327 -41.68 9.04 -8.80
N ALA C 328 -41.55 10.05 -7.94
CA ALA C 328 -40.48 11.06 -7.99
C ALA C 328 -40.24 11.80 -9.32
N CYS C 329 -41.26 12.00 -10.18
CA CYS C 329 -41.11 12.56 -11.53
C CYS C 329 -42.32 13.37 -12.02
N PHE C 330 -42.08 14.39 -12.85
CA PHE C 330 -43.10 15.32 -13.37
C PHE C 330 -43.81 14.89 -14.67
N LYS C 331 -43.24 14.01 -15.52
CA LYS C 331 -43.90 13.56 -16.76
C LYS C 331 -45.17 12.77 -16.42
N PRO C 332 -46.32 12.93 -17.09
CA PRO C 332 -47.51 12.15 -16.78
C PRO C 332 -47.26 10.63 -16.88
N VAL C 333 -47.79 9.86 -15.94
CA VAL C 333 -47.42 8.44 -15.74
C VAL C 333 -47.81 7.52 -16.91
N GLU C 334 -48.75 7.95 -17.75
CA GLU C 334 -49.19 7.22 -18.94
C GLU C 334 -48.36 7.50 -20.20
N GLU C 335 -47.44 8.46 -20.18
CA GLU C 335 -46.66 8.88 -21.36
C GLU C 335 -45.29 8.20 -21.47
N LEU C 336 -45.05 7.12 -20.72
CA LEU C 336 -43.83 6.31 -20.73
C LEU C 336 -44.11 4.83 -21.00
N GLU D 6 -12.38 -20.58 -49.32
CA GLU D 6 -13.78 -20.42 -48.84
C GLU D 6 -13.82 -19.67 -47.53
N GLY D 7 -14.85 -18.84 -47.31
CA GLY D 7 -15.00 -18.02 -46.11
C GLY D 7 -14.08 -16.79 -46.04
N ARG D 8 -14.22 -16.02 -44.95
CA ARG D 8 -13.40 -14.84 -44.66
C ARG D 8 -11.93 -15.20 -44.40
N LYS D 9 -11.05 -14.20 -44.46
CA LYS D 9 -9.62 -14.35 -44.14
C LYS D 9 -9.41 -14.75 -42.68
N VAL D 10 -8.56 -15.75 -42.44
CA VAL D 10 -8.04 -16.08 -41.11
C VAL D 10 -7.00 -15.05 -40.72
N LEU D 11 -7.23 -14.32 -39.65
CA LEU D 11 -6.42 -13.17 -39.23
C LEU D 11 -5.33 -13.57 -38.24
N LEU D 12 -5.71 -14.35 -37.22
CA LEU D 12 -4.84 -14.87 -36.17
C LEU D 12 -5.12 -16.35 -35.98
N GLU D 13 -4.07 -17.18 -35.97
CA GLU D 13 -4.14 -18.58 -35.56
C GLU D 13 -3.36 -18.81 -34.28
N ILE D 14 -3.94 -19.57 -33.35
CA ILE D 14 -3.28 -19.99 -32.11
C ILE D 14 -3.38 -21.50 -32.02
N ALA D 15 -2.26 -22.19 -31.81
CA ALA D 15 -2.22 -23.64 -31.63
C ALA D 15 -1.27 -24.03 -30.50
N ASP D 16 -1.74 -24.94 -29.63
CA ASP D 16 -0.99 -25.51 -28.51
C ASP D 16 -0.33 -24.48 -27.57
N LEU D 17 -0.93 -23.29 -27.41
CA LEU D 17 -0.36 -22.23 -26.58
C LEU D 17 -0.32 -22.62 -25.11
N LYS D 18 0.83 -22.40 -24.46
CA LYS D 18 1.03 -22.57 -23.02
C LYS D 18 1.74 -21.37 -22.42
N VAL D 19 1.33 -20.96 -21.23
CA VAL D 19 2.01 -19.95 -20.42
C VAL D 19 2.13 -20.50 -19.00
N HIS D 20 3.33 -20.95 -18.65
CA HIS D 20 3.67 -21.42 -17.31
C HIS D 20 4.54 -20.39 -16.62
N PHE D 21 4.16 -19.94 -15.44
CA PHE D 21 4.97 -19.05 -14.62
C PHE D 21 5.64 -19.84 -13.49
N GLU D 22 6.92 -19.58 -13.23
CA GLU D 22 7.59 -20.14 -12.05
C GLU D 22 7.03 -19.51 -10.77
N ILE D 23 6.76 -20.32 -9.74
CA ILE D 23 6.43 -19.82 -8.39
C ILE D 23 7.25 -20.58 -7.33
N LYS D 24 7.86 -19.83 -6.41
CA LYS D 24 8.76 -20.31 -5.35
C LYS D 24 8.44 -19.55 -4.08
N ASP D 25 7.27 -19.83 -3.52
CA ASP D 25 6.75 -19.19 -2.31
C ASP D 25 7.53 -19.58 -1.04
N GLY D 26 7.52 -18.72 -0.02
CA GLY D 26 8.31 -18.89 1.21
C GLY D 26 7.96 -20.13 2.04
N LYS D 27 6.88 -20.85 1.71
CA LYS D 27 6.48 -22.12 2.31
C LYS D 27 7.35 -23.30 1.82
N GLN D 28 8.00 -23.20 0.67
CA GLN D 28 8.96 -24.21 0.19
C GLN D 28 10.31 -24.10 0.93
N TRP D 29 11.11 -25.17 0.99
CA TRP D 29 12.52 -25.05 1.36
C TRP D 29 13.31 -24.38 0.23
N PHE D 30 14.33 -23.58 0.59
CA PHE D 30 15.19 -22.88 -0.35
C PHE D 30 15.87 -23.80 -1.38
N TRP D 31 16.15 -25.05 -0.99
CA TRP D 31 16.71 -26.12 -1.82
C TRP D 31 15.81 -26.59 -2.97
N GLN D 32 14.48 -26.54 -2.81
CA GLN D 32 13.54 -27.19 -3.73
C GLN D 32 13.36 -26.43 -5.07
N PRO D 33 13.06 -27.13 -6.18
CA PRO D 33 12.66 -26.49 -7.44
C PRO D 33 11.41 -25.59 -7.28
N PRO D 34 11.28 -24.50 -8.06
CA PRO D 34 10.00 -23.81 -8.21
C PRO D 34 8.88 -24.75 -8.66
N LYS D 35 7.65 -24.49 -8.21
CA LYS D 35 6.44 -25.08 -8.78
C LYS D 35 6.06 -24.29 -10.04
N THR D 36 5.19 -24.85 -10.89
CA THR D 36 4.70 -24.14 -12.08
C THR D 36 3.23 -23.75 -11.90
N LEU D 37 2.96 -22.46 -11.96
CA LEU D 37 1.62 -21.90 -12.09
C LEU D 37 1.19 -22.02 -13.55
N LYS D 38 0.41 -23.04 -13.89
CA LYS D 38 -0.02 -23.34 -15.26
C LYS D 38 -1.17 -22.41 -15.67
N ALA D 39 -0.85 -21.13 -15.87
CA ALA D 39 -1.85 -20.08 -16.04
C ALA D 39 -2.70 -20.28 -17.30
N VAL D 40 -2.11 -20.75 -18.40
CA VAL D 40 -2.78 -21.16 -19.64
C VAL D 40 -2.14 -22.44 -20.18
N ASP D 41 -2.91 -23.43 -20.61
CA ASP D 41 -2.38 -24.72 -21.08
C ASP D 41 -3.31 -25.39 -22.12
N GLY D 42 -2.98 -25.28 -23.40
CA GLY D 42 -3.66 -26.01 -24.47
C GLY D 42 -4.79 -25.26 -25.15
N VAL D 43 -4.75 -23.93 -25.21
CA VAL D 43 -5.69 -23.13 -26.01
C VAL D 43 -5.39 -23.33 -27.50
N THR D 44 -6.44 -23.50 -28.31
CA THR D 44 -6.34 -23.70 -29.76
C THR D 44 -7.58 -23.14 -30.46
N LEU D 45 -7.37 -22.16 -31.34
CA LEU D 45 -8.43 -21.43 -32.05
C LEU D 45 -7.87 -20.66 -33.25
N ARG D 46 -8.77 -20.24 -34.14
CA ARG D 46 -8.49 -19.23 -35.16
C ARG D 46 -9.53 -18.14 -35.17
N LEU D 47 -9.08 -16.90 -35.32
CA LEU D 47 -9.90 -15.69 -35.32
C LEU D 47 -9.91 -15.10 -36.73
N TYR D 48 -11.10 -14.87 -37.25
CA TYR D 48 -11.30 -14.33 -38.58
C TYR D 48 -11.31 -12.80 -38.59
N GLU D 49 -11.15 -12.19 -39.75
CA GLU D 49 -11.36 -10.75 -39.95
C GLU D 49 -12.83 -10.39 -39.74
N GLY D 50 -13.09 -9.22 -39.12
CA GLY D 50 -14.45 -8.73 -38.87
C GLY D 50 -15.22 -9.50 -37.79
N GLU D 51 -14.55 -10.05 -36.78
CA GLU D 51 -15.14 -10.98 -35.82
C GLU D 51 -14.77 -10.65 -34.37
N THR D 52 -15.71 -10.77 -33.45
CA THR D 52 -15.45 -10.62 -32.01
C THR D 52 -15.50 -11.97 -31.32
N LEU D 53 -14.37 -12.36 -30.73
CA LEU D 53 -14.26 -13.53 -29.88
C LEU D 53 -14.35 -13.08 -28.42
N GLY D 54 -15.38 -13.52 -27.72
CA GLY D 54 -15.50 -13.33 -26.28
C GLY D 54 -14.73 -14.41 -25.55
N VAL D 55 -13.91 -14.06 -24.56
CA VAL D 55 -13.25 -15.04 -23.68
C VAL D 55 -13.77 -14.83 -22.28
N VAL D 56 -14.35 -15.88 -21.68
CA VAL D 56 -15.12 -15.77 -20.44
C VAL D 56 -14.86 -16.93 -19.48
N GLY D 57 -14.90 -16.64 -18.18
CA GLY D 57 -14.68 -17.64 -17.14
C GLY D 57 -14.58 -17.06 -15.74
N GLU D 58 -14.58 -17.95 -14.74
CA GLU D 58 -14.28 -17.66 -13.33
C GLU D 58 -12.90 -16.97 -13.17
N SER D 59 -12.62 -16.40 -12.00
CA SER D 59 -11.26 -15.93 -11.68
C SER D 59 -10.25 -17.09 -11.72
N GLY D 60 -9.02 -16.81 -12.17
CA GLY D 60 -7.98 -17.84 -12.32
C GLY D 60 -8.07 -18.70 -13.59
N CYS D 61 -8.93 -18.36 -14.56
CA CYS D 61 -9.03 -19.09 -15.82
C CYS D 61 -7.91 -18.80 -16.82
N GLY D 62 -7.07 -17.77 -16.60
CA GLY D 62 -6.06 -17.38 -17.45
C GLY D 62 -6.38 -16.61 -18.67
N LYS D 63 -7.61 -16.08 -18.76
CA LYS D 63 -8.07 -15.27 -19.91
C LYS D 63 -7.28 -13.98 -20.10
N SER D 64 -6.85 -13.36 -19.00
CA SER D 64 -6.01 -12.16 -19.01
C SER D 64 -4.57 -12.48 -19.42
N THR D 65 -4.04 -13.64 -19.04
CA THR D 65 -2.72 -14.10 -19.48
C THR D 65 -2.72 -14.54 -20.94
N PHE D 66 -3.79 -15.18 -21.42
CA PHE D 66 -3.99 -15.48 -22.84
C PHE D 66 -3.95 -14.22 -23.71
N ALA D 67 -4.65 -13.15 -23.31
CA ALA D 67 -4.64 -11.86 -24.00
C ALA D 67 -3.22 -11.29 -24.12
N ARG D 68 -2.46 -11.29 -23.03
CA ARG D 68 -1.15 -10.80 -22.85
C ARG D 68 -0.14 -11.59 -23.62
N ALA D 69 -0.39 -12.88 -23.84
CA ALA D 69 0.49 -13.76 -24.61
C ALA D 69 0.41 -13.47 -26.12
N ILE D 70 -0.76 -13.10 -26.65
CA ILE D 70 -0.91 -12.75 -28.07
C ILE D 70 -0.13 -11.47 -28.40
N ILE D 71 -0.25 -10.44 -27.57
CA ILE D 71 0.37 -9.13 -27.84
C ILE D 71 1.82 -8.99 -27.31
N GLY D 72 2.31 -9.98 -26.55
CA GLY D 72 3.71 -10.13 -26.19
C GLY D 72 4.16 -9.52 -24.85
N LEU D 73 3.24 -9.19 -23.94
CA LEU D 73 3.55 -8.71 -22.60
C LEU D 73 3.98 -9.83 -21.64
N VAL D 74 3.73 -11.10 -21.98
CA VAL D 74 4.20 -12.28 -21.22
C VAL D 74 4.72 -13.34 -22.19
N LYS D 75 5.87 -13.95 -21.88
CA LYS D 75 6.52 -14.93 -22.76
C LYS D 75 5.82 -16.29 -22.69
N ALA D 76 5.28 -16.76 -23.80
CA ALA D 76 4.72 -18.10 -23.91
C ALA D 76 5.80 -19.18 -23.78
N THR D 77 5.48 -20.26 -23.07
CA THR D 77 6.37 -21.39 -22.78
C THR D 77 6.41 -22.40 -23.93
N ASP D 78 5.32 -22.54 -24.67
CA ASP D 78 5.19 -23.49 -25.78
C ASP D 78 4.04 -23.07 -26.72
N GLY D 79 4.00 -23.65 -27.93
CA GLY D 79 2.95 -23.47 -28.92
C GLY D 79 3.32 -22.51 -30.06
N HIS D 80 2.32 -22.17 -30.86
CA HIS D 80 2.44 -21.22 -31.97
C HIS D 80 1.30 -20.20 -31.95
N VAL D 81 1.63 -18.95 -32.26
CA VAL D 81 0.70 -17.87 -32.56
C VAL D 81 1.14 -17.27 -33.89
N ALA D 82 0.24 -17.07 -34.83
CA ALA D 82 0.57 -16.53 -36.14
C ALA D 82 -0.41 -15.43 -36.56
N TRP D 83 0.12 -14.28 -37.01
CA TRP D 83 -0.63 -13.13 -37.50
C TRP D 83 -0.44 -12.96 -39.00
N LEU D 84 -1.52 -12.98 -39.78
CA LEU D 84 -1.50 -12.90 -41.25
C LEU D 84 -0.50 -13.88 -41.92
N GLY D 85 -0.17 -14.98 -41.26
CA GLY D 85 0.78 -16.01 -41.72
C GLY D 85 2.21 -15.91 -41.17
N LYS D 86 2.55 -14.94 -40.32
CA LYS D 86 3.88 -14.82 -39.68
C LYS D 86 3.82 -15.18 -38.20
N GLU D 87 4.75 -16.00 -37.72
CA GLU D 87 4.80 -16.44 -36.32
C GLU D 87 5.21 -15.31 -35.37
N LEU D 88 4.56 -15.22 -34.21
CA LEU D 88 4.78 -14.18 -33.20
C LEU D 88 5.68 -14.61 -32.03
N LEU D 89 5.59 -15.85 -31.56
CA LEU D 89 6.20 -16.22 -30.26
C LEU D 89 7.73 -16.29 -30.28
N GLY D 90 8.34 -16.58 -31.43
CA GLY D 90 9.78 -16.59 -31.63
C GLY D 90 10.38 -15.22 -31.97
N MET D 91 9.58 -14.15 -32.06
CA MET D 91 10.02 -12.86 -32.58
C MET D 91 11.05 -12.16 -31.68
N LYS D 92 12.00 -11.47 -32.31
CA LYS D 92 12.93 -10.56 -31.63
C LYS D 92 12.22 -9.30 -31.11
N PRO D 93 12.76 -8.58 -30.13
CA PRO D 93 12.12 -7.39 -29.55
C PRO D 93 11.78 -6.25 -30.52
N ASP D 94 12.45 -6.16 -31.67
CA ASP D 94 12.23 -5.08 -32.65
C ASP D 94 11.12 -5.42 -33.65
N GLU D 95 11.08 -6.62 -34.22
CA GLU D 95 10.08 -7.00 -35.22
C GLU D 95 8.64 -7.11 -34.66
N TRP D 96 8.47 -7.16 -33.33
CA TRP D 96 7.18 -6.93 -32.68
C TRP D 96 6.55 -5.59 -33.07
N ARG D 97 7.34 -4.54 -33.37
CA ARG D 97 6.79 -3.24 -33.74
C ARG D 97 5.99 -3.31 -35.04
N ALA D 98 6.42 -4.10 -36.02
CA ALA D 98 5.67 -4.29 -37.26
C ALA D 98 4.28 -4.92 -37.00
N VAL D 99 4.19 -5.89 -36.10
CA VAL D 99 2.93 -6.55 -35.71
C VAL D 99 2.05 -5.64 -34.85
N ARG D 100 2.61 -4.90 -33.88
CA ARG D 100 1.86 -3.97 -33.02
C ARG D 100 1.29 -2.75 -33.74
N SER D 101 1.66 -2.51 -35.00
CA SER D 101 0.92 -1.59 -35.85
C SER D 101 -0.51 -2.07 -36.08
N ASP D 102 -0.72 -3.39 -36.16
CA ASP D 102 -2.02 -4.02 -36.37
C ASP D 102 -2.70 -4.46 -35.07
N ILE D 103 -1.96 -4.91 -34.06
CA ILE D 103 -2.49 -5.41 -32.78
C ILE D 103 -2.30 -4.39 -31.66
N GLN D 104 -3.39 -3.98 -31.00
CA GLN D 104 -3.43 -2.97 -29.95
C GLN D 104 -4.31 -3.43 -28.76
N MET D 105 -4.34 -2.71 -27.63
CA MET D 105 -5.01 -3.20 -26.41
C MET D 105 -5.69 -2.13 -25.57
N ILE D 106 -6.78 -2.53 -24.90
CA ILE D 106 -7.56 -1.77 -23.91
C ILE D 106 -7.55 -2.55 -22.60
N PHE D 107 -7.48 -1.87 -21.46
CA PHE D 107 -7.05 -2.46 -20.18
C PHE D 107 -8.11 -2.38 -19.07
N GLN D 108 -7.90 -3.18 -18.02
CA GLN D 108 -8.76 -3.36 -16.84
C GLN D 108 -9.15 -2.06 -16.13
N ASP D 109 -8.17 -1.24 -15.76
CA ASP D 109 -8.36 -0.11 -14.84
C ASP D 109 -8.36 1.22 -15.62
N PRO D 110 -9.42 2.04 -15.51
CA PRO D 110 -9.55 3.24 -16.30
C PRO D 110 -8.45 4.27 -16.04
N LEU D 111 -8.10 4.54 -14.78
CA LEU D 111 -7.12 5.58 -14.44
C LEU D 111 -5.68 5.09 -14.60
N ALA D 112 -5.40 3.84 -14.22
CA ALA D 112 -4.14 3.21 -14.28
C ALA D 112 -3.63 3.02 -15.68
N SER D 113 -4.54 2.86 -16.64
CA SER D 113 -4.23 2.74 -18.07
C SER D 113 -3.62 4.01 -18.67
N LEU D 114 -3.77 5.16 -18.01
CA LEU D 114 -3.35 6.48 -18.48
C LEU D 114 -2.20 7.01 -17.62
N ASN D 115 -1.10 7.49 -18.22
CA ASN D 115 0.00 8.08 -17.46
C ASN D 115 -0.47 9.39 -16.78
N PRO D 116 -0.46 9.49 -15.43
CA PRO D 116 -1.06 10.63 -14.75
C PRO D 116 -0.29 11.94 -14.89
N ARG D 117 0.96 11.92 -15.39
CA ARG D 117 1.76 13.11 -15.67
C ARG D 117 1.55 13.67 -17.09
N MET D 118 0.77 13.01 -17.94
CA MET D 118 0.55 13.41 -19.34
C MET D 118 -0.89 13.89 -19.58
N THR D 119 -1.08 14.80 -20.53
CA THR D 119 -2.41 15.21 -20.98
C THR D 119 -3.00 14.22 -21.97
N ILE D 120 -4.33 14.26 -22.17
CA ILE D 120 -5.02 13.42 -23.16
C ILE D 120 -4.35 13.47 -24.53
N GLY D 121 -3.98 14.67 -25.00
CA GLY D 121 -3.41 14.85 -26.32
C GLY D 121 -2.12 14.05 -26.51
N GLU D 122 -1.27 13.96 -25.50
CA GLU D 122 -0.05 13.24 -25.48
C GLU D 122 -0.26 11.76 -25.39
N ILE D 123 -1.25 11.34 -24.58
CA ILE D 123 -1.60 9.92 -24.40
C ILE D 123 -2.09 9.32 -25.72
N ILE D 124 -3.01 9.99 -26.42
CA ILE D 124 -3.51 9.53 -27.72
C ILE D 124 -2.44 9.70 -28.80
N ALA D 125 -1.60 10.74 -28.75
CA ALA D 125 -0.51 10.94 -29.70
C ALA D 125 0.69 10.00 -29.52
N GLU D 126 0.88 9.33 -28.39
CA GLU D 126 2.11 8.56 -28.11
C GLU D 126 2.33 7.39 -29.09
N PRO D 127 1.34 6.56 -29.44
CA PRO D 127 1.50 5.60 -30.55
C PRO D 127 1.82 6.28 -31.87
N LEU D 128 1.08 7.33 -32.24
CA LEU D 128 1.22 8.00 -33.54
C LEU D 128 2.60 8.64 -33.71
N ARG D 129 3.12 9.29 -32.68
CA ARG D 129 4.47 9.87 -32.62
C ARG D 129 5.55 8.79 -32.71
N THR D 130 5.30 7.62 -32.14
CA THR D 130 6.22 6.48 -32.13
C THR D 130 6.31 5.75 -33.47
N TYR D 131 5.20 5.65 -34.21
CA TYR D 131 5.15 4.98 -35.52
C TYR D 131 5.38 5.90 -36.73
N HIS D 132 5.16 7.21 -36.62
CA HIS D 132 5.34 8.17 -37.71
C HIS D 132 6.18 9.39 -37.29
N PRO D 133 7.49 9.23 -37.02
CA PRO D 133 8.32 10.31 -36.44
C PRO D 133 8.42 11.58 -37.30
N LYS D 134 8.24 11.46 -38.61
CA LYS D 134 8.29 12.58 -39.57
C LYS D 134 7.00 13.39 -39.67
N MET D 135 5.91 12.94 -39.03
CA MET D 135 4.63 13.64 -39.03
C MET D 135 4.69 14.91 -38.16
N SER D 136 4.08 16.00 -38.61
CA SER D 136 4.13 17.30 -37.92
C SER D 136 3.27 17.35 -36.65
N ARG D 137 3.57 18.30 -35.76
CA ARG D 137 2.76 18.57 -34.57
C ARG D 137 1.30 18.91 -34.92
N GLN D 138 1.08 19.58 -36.06
CA GLN D 138 -0.27 19.90 -36.54
C GLN D 138 -1.04 18.65 -36.97
N GLU D 139 -0.43 17.77 -37.77
CA GLU D 139 -1.05 16.52 -38.21
C GLU D 139 -1.40 15.62 -37.01
N VAL D 140 -0.48 15.49 -36.04
CA VAL D 140 -0.72 14.72 -34.83
C VAL D 140 -1.87 15.29 -34.00
N ARG D 141 -1.92 16.61 -33.77
CA ARG D 141 -3.05 17.24 -33.06
C ARG D 141 -4.38 17.07 -33.80
N GLU D 142 -4.40 17.19 -35.12
CA GLU D 142 -5.61 17.01 -35.91
C GLU D 142 -6.10 15.55 -35.92
N ARG D 143 -5.19 14.58 -36.06
CA ARG D 143 -5.50 13.15 -35.92
C ARG D 143 -6.09 12.83 -34.55
N VAL D 144 -5.50 13.37 -33.48
CA VAL D 144 -5.99 13.16 -32.11
C VAL D 144 -7.36 13.80 -31.90
N LYS D 145 -7.60 15.04 -32.33
CA LYS D 145 -8.91 15.69 -32.22
C LYS D 145 -10.00 14.94 -33.00
N ALA D 146 -9.69 14.45 -34.20
CA ALA D 146 -10.62 13.63 -34.98
C ALA D 146 -10.97 12.31 -34.26
N MET D 147 -9.98 11.60 -33.68
CA MET D 147 -10.25 10.38 -32.93
C MET D 147 -11.01 10.63 -31.62
N MET D 148 -10.73 11.73 -30.91
CA MET D 148 -11.52 12.11 -29.73
C MET D 148 -12.99 12.35 -30.07
N LEU D 149 -13.27 13.08 -31.15
CA LEU D 149 -14.64 13.29 -31.62
C LEU D 149 -15.32 11.97 -32.02
N LYS D 150 -14.56 10.98 -32.51
CA LYS D 150 -15.04 9.64 -32.83
C LYS D 150 -15.42 8.83 -31.58
N VAL D 151 -14.62 8.88 -30.51
CA VAL D 151 -14.94 8.21 -29.23
C VAL D 151 -15.93 8.98 -28.34
N GLY D 152 -16.26 10.23 -28.69
CA GLY D 152 -17.26 11.04 -28.00
C GLY D 152 -16.72 12.00 -26.93
N LEU D 153 -15.41 12.24 -26.88
CA LEU D 153 -14.83 13.30 -26.07
C LEU D 153 -14.86 14.64 -26.84
N LEU D 154 -15.13 15.74 -26.15
CA LEU D 154 -15.12 17.07 -26.75
C LEU D 154 -13.67 17.48 -27.08
N PRO D 155 -13.37 17.98 -28.29
CA PRO D 155 -12.01 18.33 -28.72
C PRO D 155 -11.27 19.31 -27.80
N ASN D 156 -11.95 20.21 -27.10
CA ASN D 156 -11.33 21.17 -26.19
C ASN D 156 -10.81 20.56 -24.86
N LEU D 157 -11.09 19.29 -24.58
CA LEU D 157 -10.53 18.54 -23.44
C LEU D 157 -9.06 18.11 -23.65
N ILE D 158 -8.49 18.35 -24.84
CA ILE D 158 -7.15 17.91 -25.29
C ILE D 158 -6.01 18.09 -24.26
N ASN D 159 -6.02 19.21 -23.53
CA ASN D 159 -4.94 19.62 -22.64
C ASN D 159 -5.20 19.25 -21.17
N ARG D 160 -6.26 18.52 -20.85
CA ARG D 160 -6.57 18.11 -19.48
C ARG D 160 -5.89 16.79 -19.11
N TYR D 161 -5.66 16.57 -17.83
CA TYR D 161 -4.94 15.43 -17.29
C TYR D 161 -5.91 14.31 -16.86
N PRO D 162 -5.52 13.03 -16.87
CA PRO D 162 -6.47 11.92 -16.74
C PRO D 162 -7.17 11.83 -15.38
N HIS D 163 -6.65 12.42 -14.31
CA HIS D 163 -7.36 12.51 -13.02
C HIS D 163 -8.55 13.47 -13.03
N GLU D 164 -8.71 14.29 -14.07
CA GLU D 164 -9.85 15.20 -14.25
C GLU D 164 -11.09 14.49 -14.85
N PHE D 165 -11.06 13.16 -15.05
CA PHE D 165 -12.04 12.41 -15.84
C PHE D 165 -12.77 11.29 -15.08
N SER D 166 -14.02 11.03 -15.47
CA SER D 166 -15.01 10.24 -14.72
C SER D 166 -14.94 8.71 -14.90
N GLY D 167 -13.78 8.14 -15.22
CA GLY D 167 -13.59 6.69 -15.40
C GLY D 167 -14.11 6.14 -16.73
N GLY D 168 -15.37 6.37 -17.08
CA GLY D 168 -15.91 6.02 -18.40
C GLY D 168 -15.23 6.79 -19.54
N GLN D 169 -14.95 8.07 -19.31
CA GLN D 169 -14.13 8.89 -20.22
C GLN D 169 -12.69 8.36 -20.33
N CYS D 170 -12.14 7.72 -19.31
CA CYS D 170 -10.81 7.14 -19.39
C CYS D 170 -10.73 5.94 -20.33
N GLN D 171 -11.74 5.08 -20.36
CA GLN D 171 -11.79 4.00 -21.36
C GLN D 171 -12.04 4.52 -22.78
N ARG D 172 -12.71 5.67 -22.95
CA ARG D 172 -12.74 6.37 -24.24
C ARG D 172 -11.37 6.85 -24.68
N ILE D 173 -10.54 7.39 -23.79
CA ILE D 173 -9.13 7.71 -24.09
C ILE D 173 -8.34 6.45 -24.46
N GLY D 174 -8.53 5.36 -23.73
CA GLY D 174 -7.92 4.05 -24.05
C GLY D 174 -8.29 3.54 -25.44
N ILE D 175 -9.57 3.61 -25.81
CA ILE D 175 -10.03 3.26 -27.15
C ILE D 175 -9.41 4.19 -28.20
N ALA D 176 -9.38 5.50 -27.96
CA ALA D 176 -8.78 6.43 -28.91
C ALA D 176 -7.28 6.14 -29.13
N ARG D 177 -6.55 5.83 -28.06
CA ARG D 177 -5.14 5.44 -28.13
C ARG D 177 -4.93 4.15 -28.90
N ALA D 178 -5.78 3.15 -28.74
CA ALA D 178 -5.70 1.93 -29.52
C ALA D 178 -5.97 2.20 -31.01
N LEU D 179 -6.98 2.99 -31.34
CA LEU D 179 -7.41 3.22 -32.72
C LEU D 179 -6.59 4.24 -33.53
N ILE D 180 -5.76 5.08 -32.91
CA ILE D 180 -5.07 6.19 -33.61
C ILE D 180 -4.18 5.74 -34.80
N LEU D 181 -3.69 4.51 -34.75
CA LEU D 181 -2.85 3.88 -35.79
C LEU D 181 -3.65 3.25 -36.94
N GLU D 182 -4.99 3.20 -36.86
CA GLU D 182 -5.84 2.34 -37.68
C GLU D 182 -5.46 0.85 -37.58
N PRO D 183 -5.66 0.21 -36.41
CA PRO D 183 -5.30 -1.19 -36.18
C PRO D 183 -6.26 -2.15 -36.87
N LYS D 184 -6.04 -3.46 -36.71
CA LYS D 184 -6.90 -4.52 -37.26
C LYS D 184 -7.39 -5.51 -36.21
N LEU D 185 -6.67 -5.71 -35.11
CA LEU D 185 -7.17 -6.38 -33.90
C LEU D 185 -6.94 -5.49 -32.69
N ILE D 186 -7.97 -5.26 -31.90
CA ILE D 186 -7.82 -4.70 -30.55
C ILE D 186 -8.28 -5.72 -29.51
N ILE D 187 -7.47 -5.92 -28.48
CA ILE D 187 -7.70 -6.88 -27.40
C ILE D 187 -8.19 -6.09 -26.20
N CYS D 188 -9.33 -6.47 -25.63
CA CYS D 188 -9.99 -5.73 -24.56
C CYS D 188 -9.97 -6.56 -23.27
N ASP D 189 -9.00 -6.34 -22.41
CA ASP D 189 -8.88 -7.02 -21.12
C ASP D 189 -9.80 -6.40 -20.06
N GLU D 190 -11.01 -6.93 -19.92
CA GLU D 190 -12.05 -6.45 -19.01
C GLU D 190 -12.32 -4.94 -19.14
N PRO D 191 -12.71 -4.44 -20.33
CA PRO D 191 -12.77 -3.00 -20.59
C PRO D 191 -13.84 -2.26 -19.81
N VAL D 192 -14.81 -2.99 -19.22
CA VAL D 192 -16.01 -2.42 -18.59
C VAL D 192 -16.29 -2.97 -17.18
N SER D 193 -15.33 -3.63 -16.54
CA SER D 193 -15.46 -4.18 -15.18
C SER D 193 -15.60 -3.11 -14.10
N ALA D 194 -14.81 -2.03 -14.18
CA ALA D 194 -14.75 -0.96 -13.20
C ALA D 194 -15.91 0.05 -13.30
N LEU D 195 -16.62 0.07 -14.44
CA LEU D 195 -17.57 1.12 -14.79
C LEU D 195 -18.98 0.82 -14.27
N ASP D 196 -19.74 1.88 -13.98
CA ASP D 196 -21.16 1.82 -13.63
C ASP D 196 -22.02 1.28 -14.78
N VAL D 197 -23.12 0.58 -14.46
CA VAL D 197 -23.91 -0.21 -15.43
C VAL D 197 -24.35 0.57 -16.67
N SER D 198 -24.81 1.82 -16.53
CA SER D 198 -25.19 2.63 -17.68
C SER D 198 -23.98 2.98 -18.56
N ILE D 199 -22.83 3.26 -17.95
CA ILE D 199 -21.59 3.59 -18.64
C ILE D 199 -20.98 2.36 -19.34
N GLN D 200 -21.15 1.14 -18.78
CA GLN D 200 -20.75 -0.08 -19.47
C GLN D 200 -21.42 -0.19 -20.83
N ALA D 201 -22.72 0.07 -20.92
CA ALA D 201 -23.44 0.02 -22.17
C ALA D 201 -23.01 1.10 -23.18
N GLN D 202 -22.54 2.27 -22.71
CA GLN D 202 -21.94 3.27 -23.60
C GLN D 202 -20.64 2.75 -24.23
N VAL D 203 -19.72 2.22 -23.43
CA VAL D 203 -18.44 1.72 -23.93
C VAL D 203 -18.59 0.49 -24.84
N VAL D 204 -19.51 -0.43 -24.52
CA VAL D 204 -19.80 -1.59 -25.37
C VAL D 204 -20.46 -1.19 -26.69
N ASN D 205 -21.46 -0.29 -26.69
CA ASN D 205 -22.01 0.22 -27.94
C ASN D 205 -20.94 0.91 -28.79
N LEU D 206 -20.05 1.68 -28.17
CA LEU D 206 -18.96 2.36 -28.85
C LEU D 206 -17.99 1.37 -29.51
N LEU D 207 -17.54 0.33 -28.80
CA LEU D 207 -16.69 -0.71 -29.38
C LEU D 207 -17.38 -1.42 -30.54
N GLN D 208 -18.67 -1.73 -30.41
CA GLN D 208 -19.43 -2.39 -31.45
C GLN D 208 -19.68 -1.49 -32.68
N GLN D 209 -19.86 -0.18 -32.49
CA GLN D 209 -19.87 0.79 -33.57
C GLN D 209 -18.51 0.83 -34.28
N LEU D 210 -17.41 0.95 -33.54
CA LEU D 210 -16.07 1.06 -34.11
C LEU D 210 -15.67 -0.22 -34.87
N GLN D 211 -16.07 -1.39 -34.40
CA GLN D 211 -15.90 -2.65 -35.12
C GLN D 211 -16.56 -2.58 -36.51
N ARG D 212 -17.80 -2.11 -36.57
CA ARG D 212 -18.59 -1.98 -37.82
C ARG D 212 -18.10 -0.86 -38.72
N GLU D 213 -17.67 0.25 -38.15
CA GLU D 213 -17.24 1.45 -38.87
C GLU D 213 -15.82 1.33 -39.46
N MET D 214 -14.89 0.68 -38.77
CA MET D 214 -13.50 0.50 -39.21
C MET D 214 -13.16 -0.91 -39.75
N GLY D 215 -13.99 -1.92 -39.49
CA GLY D 215 -13.76 -3.30 -39.95
C GLY D 215 -12.85 -4.15 -39.06
N LEU D 216 -12.73 -3.82 -37.77
CA LEU D 216 -11.87 -4.51 -36.81
C LEU D 216 -12.34 -5.94 -36.50
N SER D 217 -11.42 -6.78 -36.03
CA SER D 217 -11.75 -7.90 -35.14
C SER D 217 -11.45 -7.53 -33.69
N LEU D 218 -12.14 -8.11 -32.73
CA LEU D 218 -11.87 -7.92 -31.31
C LEU D 218 -11.61 -9.28 -30.63
N ILE D 219 -10.75 -9.28 -29.60
CA ILE D 219 -10.82 -10.30 -28.55
C ILE D 219 -11.31 -9.59 -27.31
N PHE D 220 -12.47 -9.95 -26.81
CA PHE D 220 -13.13 -9.27 -25.71
C PHE D 220 -13.13 -10.17 -24.48
N ILE D 221 -12.40 -9.80 -23.45
CA ILE D 221 -12.26 -10.59 -22.24
C ILE D 221 -13.12 -9.95 -21.15
N ALA D 222 -14.03 -10.69 -20.52
CA ALA D 222 -14.90 -10.13 -19.48
C ALA D 222 -15.37 -11.17 -18.48
N HIS D 223 -15.81 -10.72 -17.30
CA HIS D 223 -16.40 -11.54 -16.24
C HIS D 223 -17.92 -11.74 -16.41
N ASP D 224 -18.63 -10.77 -17.02
CA ASP D 224 -20.08 -10.82 -17.18
C ASP D 224 -20.51 -11.49 -18.50
N LEU D 225 -21.06 -12.70 -18.40
CA LEU D 225 -21.55 -13.51 -19.53
C LEU D 225 -22.58 -12.75 -20.38
N ALA D 226 -23.39 -11.89 -19.78
CA ALA D 226 -24.44 -11.18 -20.50
C ALA D 226 -23.88 -10.03 -21.35
N VAL D 227 -22.82 -9.36 -20.89
CA VAL D 227 -22.09 -8.36 -21.70
C VAL D 227 -21.40 -9.04 -22.88
N VAL D 228 -20.75 -10.17 -22.64
CA VAL D 228 -20.09 -10.95 -23.69
C VAL D 228 -21.07 -11.37 -24.77
N LYS D 229 -22.29 -11.82 -24.42
CA LYS D 229 -23.29 -12.22 -25.43
C LYS D 229 -23.65 -11.09 -26.39
N HIS D 230 -23.67 -9.84 -25.94
CA HIS D 230 -24.09 -8.74 -26.81
C HIS D 230 -23.03 -8.38 -27.85
N ILE D 231 -21.76 -8.26 -27.45
CA ILE D 231 -20.67 -7.83 -28.34
C ILE D 231 -20.06 -8.96 -29.18
N SER D 232 -20.06 -10.19 -28.67
CA SER D 232 -19.37 -11.31 -29.34
C SER D 232 -20.17 -12.00 -30.42
N ASP D 233 -19.44 -12.59 -31.37
CA ASP D 233 -19.96 -13.50 -32.41
C ASP D 233 -19.66 -14.96 -32.05
N ARG D 234 -18.49 -15.21 -31.46
CA ARG D 234 -18.06 -16.50 -30.92
C ARG D 234 -17.59 -16.33 -29.48
N VAL D 235 -17.78 -17.35 -28.64
CA VAL D 235 -17.36 -17.34 -27.24
C VAL D 235 -16.50 -18.55 -26.93
N LEU D 236 -15.37 -18.29 -26.29
CA LEU D 236 -14.44 -19.25 -25.71
C LEU D 236 -14.66 -19.24 -24.20
N VAL D 237 -15.04 -20.39 -23.65
CA VAL D 237 -15.26 -20.57 -22.22
C VAL D 237 -14.02 -21.23 -21.63
N MET D 238 -13.50 -20.69 -20.54
CA MET D 238 -12.25 -21.16 -19.94
C MET D 238 -12.39 -21.57 -18.47
N TYR D 239 -11.57 -22.55 -18.10
CA TYR D 239 -11.45 -23.09 -16.75
C TYR D 239 -10.00 -23.50 -16.46
N LEU D 240 -9.37 -22.92 -15.44
CA LEU D 240 -7.98 -23.19 -15.02
C LEU D 240 -6.99 -23.31 -16.19
N GLY D 241 -7.03 -22.38 -17.13
CA GLY D 241 -6.12 -22.31 -18.26
C GLY D 241 -6.47 -23.19 -19.46
N HIS D 242 -7.47 -24.07 -19.34
CA HIS D 242 -8.00 -24.86 -20.43
C HIS D 242 -9.14 -24.15 -21.18
N ALA D 243 -9.25 -24.41 -22.47
CA ALA D 243 -10.42 -24.12 -23.27
C ALA D 243 -11.44 -25.26 -23.10
N VAL D 244 -12.59 -24.99 -22.49
CA VAL D 244 -13.60 -26.01 -22.21
C VAL D 244 -14.70 -26.07 -23.26
N GLU D 245 -15.06 -24.95 -23.86
CA GLU D 245 -16.05 -24.88 -24.93
C GLU D 245 -15.77 -23.69 -25.85
N LEU D 246 -16.03 -23.82 -27.14
CA LEU D 246 -15.80 -22.78 -28.14
C LEU D 246 -16.84 -22.89 -29.25
N GLY D 247 -17.63 -21.84 -29.46
CA GLY D 247 -18.65 -21.84 -30.50
C GLY D 247 -19.30 -20.49 -30.73
N THR D 248 -20.26 -20.41 -31.64
CA THR D 248 -21.05 -19.20 -31.89
C THR D 248 -21.95 -18.85 -30.71
N TYR D 249 -22.30 -17.57 -30.59
CA TYR D 249 -23.05 -17.01 -29.46
C TYR D 249 -24.46 -17.59 -29.26
N ASP D 250 -25.06 -18.18 -30.28
CA ASP D 250 -26.30 -18.94 -30.16
C ASP D 250 -26.03 -20.30 -29.52
N GLU D 251 -25.08 -21.09 -30.04
CA GLU D 251 -24.82 -22.44 -29.56
C GLU D 251 -24.32 -22.46 -28.11
N VAL D 252 -23.35 -21.61 -27.75
CA VAL D 252 -22.73 -21.63 -26.42
C VAL D 252 -23.71 -21.23 -25.30
N TYR D 253 -24.73 -20.43 -25.59
CA TYR D 253 -25.71 -19.99 -24.60
C TYR D 253 -27.04 -20.78 -24.64
N HIS D 254 -27.51 -21.18 -25.82
CA HIS D 254 -28.79 -21.91 -25.96
C HIS D 254 -28.65 -23.44 -26.01
N ASN D 255 -27.51 -24.00 -26.45
CA ASN D 255 -27.22 -25.44 -26.44
C ASN D 255 -25.86 -25.77 -25.78
N PRO D 256 -25.52 -25.30 -24.57
CA PRO D 256 -24.26 -25.65 -23.92
C PRO D 256 -24.16 -27.15 -23.66
N LEU D 257 -23.05 -27.77 -24.04
CA LEU D 257 -22.80 -29.20 -23.87
C LEU D 257 -21.85 -29.48 -22.70
N HIS D 258 -20.82 -28.66 -22.48
CA HIS D 258 -19.86 -28.87 -21.40
C HIS D 258 -20.48 -28.60 -20.00
N PRO D 259 -20.33 -29.50 -19.02
CA PRO D 259 -20.85 -29.32 -17.68
C PRO D 259 -20.50 -28.01 -16.96
N TYR D 260 -19.30 -27.45 -17.16
CA TYR D 260 -18.96 -26.14 -16.61
C TYR D 260 -19.78 -25.01 -17.23
N THR D 261 -20.00 -25.03 -18.54
CA THR D 261 -20.86 -24.01 -19.17
C THR D 261 -22.31 -24.15 -18.72
N ARG D 262 -22.84 -25.36 -18.56
CA ARG D 262 -24.18 -25.55 -18.00
C ARG D 262 -24.27 -24.97 -16.59
N ALA D 263 -23.26 -25.17 -15.75
CA ALA D 263 -23.21 -24.56 -14.43
C ALA D 263 -23.10 -23.03 -14.51
N LEU D 264 -22.22 -22.50 -15.35
CA LEU D 264 -21.99 -21.06 -15.47
C LEU D 264 -23.23 -20.33 -16.03
N MET D 265 -23.80 -20.81 -17.13
CA MET D 265 -24.99 -20.21 -17.74
C MET D 265 -26.26 -20.33 -16.88
N SER D 266 -26.42 -21.40 -16.10
CA SER D 266 -27.52 -21.48 -15.14
C SER D 266 -27.26 -20.66 -13.87
N ALA D 267 -26.00 -20.42 -13.49
CA ALA D 267 -25.63 -19.50 -12.41
C ALA D 267 -25.76 -18.01 -12.79
N VAL D 268 -25.69 -17.65 -14.08
CA VAL D 268 -25.92 -16.27 -14.53
C VAL D 268 -27.29 -15.78 -14.06
N PRO D 269 -27.37 -14.64 -13.36
CA PRO D 269 -28.62 -14.09 -12.86
C PRO D 269 -29.40 -13.37 -13.97
N ILE D 270 -30.72 -13.49 -13.96
CA ILE D 270 -31.62 -12.96 -15.00
C ILE D 270 -32.41 -11.76 -14.44
N PRO D 271 -32.51 -10.61 -15.13
CA PRO D 271 -33.21 -9.43 -14.63
C PRO D 271 -34.74 -9.52 -14.79
N ASP D 272 -35.38 -10.63 -14.41
CA ASP D 272 -36.83 -10.86 -14.47
C ASP D 272 -37.25 -11.72 -13.26
N PRO D 273 -38.02 -11.19 -12.29
CA PRO D 273 -38.42 -11.94 -11.10
C PRO D 273 -39.10 -13.28 -11.38
N ASP D 274 -39.99 -13.36 -12.37
CA ASP D 274 -40.69 -14.60 -12.70
C ASP D 274 -39.84 -15.64 -13.43
N LEU D 275 -38.66 -15.29 -13.94
CA LEU D 275 -37.69 -16.25 -14.48
C LEU D 275 -36.62 -16.63 -13.45
N GLU D 276 -36.02 -15.67 -12.75
CA GLU D 276 -34.90 -15.94 -11.84
C GLU D 276 -35.30 -16.85 -10.67
N LYS D 277 -36.56 -16.78 -10.23
CA LYS D 277 -37.12 -17.65 -9.19
C LYS D 277 -37.59 -19.02 -9.71
N ASN D 278 -37.56 -19.27 -11.03
CA ASN D 278 -38.13 -20.45 -11.70
C ASN D 278 -37.14 -21.25 -12.56
N LYS D 279 -35.88 -20.80 -12.74
CA LYS D 279 -34.86 -21.49 -13.54
C LYS D 279 -34.34 -22.76 -12.84
N THR D 280 -33.94 -23.74 -13.65
CA THR D 280 -33.36 -25.03 -13.24
C THR D 280 -31.87 -24.88 -12.90
N ILE D 281 -31.56 -24.44 -11.67
CA ILE D 281 -30.18 -24.18 -11.23
C ILE D 281 -29.37 -25.48 -11.18
N GLN D 282 -28.19 -25.50 -11.79
CA GLN D 282 -27.15 -26.51 -11.51
C GLN D 282 -26.14 -25.98 -10.49
N LEU D 283 -25.62 -26.86 -9.63
CA LEU D 283 -24.71 -26.50 -8.55
C LEU D 283 -23.49 -27.42 -8.55
N LEU D 284 -22.30 -26.84 -8.35
CA LEU D 284 -21.02 -27.54 -8.40
C LEU D 284 -20.49 -27.87 -7.00
N GLU D 285 -20.10 -29.12 -6.78
CA GLU D 285 -19.53 -29.58 -5.50
C GLU D 285 -18.07 -29.14 -5.33
N GLY D 286 -17.77 -28.43 -4.24
CA GLY D 286 -16.39 -28.09 -3.85
C GLY D 286 -15.83 -26.81 -4.49
N GLU D 287 -14.68 -26.37 -3.97
CA GLU D 287 -13.98 -25.14 -4.39
C GLU D 287 -13.25 -25.28 -5.73
N LEU D 288 -12.90 -24.13 -6.32
CA LEU D 288 -11.93 -24.01 -7.42
C LEU D 288 -10.56 -24.59 -7.00
N PRO D 289 -10.02 -25.64 -7.64
CA PRO D 289 -8.67 -26.13 -7.40
C PRO D 289 -7.62 -25.03 -7.60
N SER D 290 -6.52 -25.06 -6.85
CA SER D 290 -5.44 -24.10 -7.07
C SER D 290 -4.78 -24.32 -8.44
N PRO D 291 -4.59 -23.28 -9.26
CA PRO D 291 -3.83 -23.40 -10.51
C PRO D 291 -2.34 -23.70 -10.30
N ILE D 292 -1.84 -23.76 -9.06
CA ILE D 292 -0.45 -24.17 -8.75
C ILE D 292 -0.27 -25.70 -8.85
N ASN D 293 -1.34 -26.50 -8.87
CA ASN D 293 -1.37 -27.92 -8.92
C ASN D 293 -2.64 -28.46 -9.51
N PRO D 294 -2.94 -28.18 -10.78
CA PRO D 294 -4.17 -28.63 -11.37
C PRO D 294 -4.34 -30.12 -11.29
N PRO D 295 -5.55 -30.64 -11.17
CA PRO D 295 -5.74 -32.07 -11.21
C PRO D 295 -5.22 -32.72 -12.47
N SER D 296 -4.68 -33.87 -12.42
CA SER D 296 -4.26 -34.67 -13.51
C SER D 296 -5.42 -35.09 -14.36
N GLY D 297 -5.27 -35.15 -15.68
CA GLY D 297 -6.32 -35.56 -16.61
C GLY D 297 -7.21 -34.39 -17.02
N CYS D 298 -8.53 -34.56 -16.98
CA CYS D 298 -9.45 -33.43 -17.05
C CYS D 298 -9.38 -32.58 -15.78
N VAL D 299 -9.25 -31.26 -15.93
CA VAL D 299 -9.10 -30.33 -14.81
C VAL D 299 -10.41 -30.06 -14.07
N PHE D 300 -11.58 -30.28 -14.68
CA PHE D 300 -12.89 -30.11 -14.04
C PHE D 300 -13.34 -31.33 -13.21
N ARG D 301 -12.55 -32.41 -13.19
CA ARG D 301 -12.90 -33.71 -12.60
C ARG D 301 -13.28 -33.68 -11.13
N THR D 302 -12.77 -32.74 -10.34
CA THR D 302 -13.17 -32.61 -8.93
C THR D 302 -14.56 -31.98 -8.72
N ARG D 303 -15.09 -31.21 -9.68
CA ARG D 303 -16.37 -30.50 -9.56
C ARG D 303 -17.49 -31.09 -10.45
N CYS D 304 -17.16 -31.89 -11.45
CA CYS D 304 -18.08 -32.29 -12.52
C CYS D 304 -19.27 -33.16 -12.09
N PRO D 305 -20.53 -32.78 -12.38
CA PRO D 305 -21.72 -33.58 -12.08
C PRO D 305 -21.82 -34.98 -12.72
N ILE D 306 -21.07 -35.25 -13.79
CA ILE D 306 -21.16 -36.48 -14.60
C ILE D 306 -19.79 -37.17 -14.76
N ALA D 307 -18.90 -37.00 -13.78
CA ALA D 307 -17.55 -37.54 -13.76
C ALA D 307 -17.47 -39.07 -13.89
N GLY D 308 -16.33 -39.59 -14.34
CA GLY D 308 -16.05 -41.02 -14.44
C GLY D 308 -14.55 -41.33 -14.43
N PRO D 309 -14.14 -42.60 -14.23
CA PRO D 309 -12.74 -42.96 -14.02
C PRO D 309 -11.85 -42.71 -15.25
N GLU D 310 -12.40 -42.75 -16.47
CA GLU D 310 -11.67 -42.46 -17.70
C GLU D 310 -11.11 -41.02 -17.73
N CYS D 311 -11.75 -40.07 -17.05
CA CYS D 311 -11.37 -38.66 -17.03
C CYS D 311 -10.11 -38.37 -16.21
N ALA D 312 -9.67 -39.32 -15.38
CA ALA D 312 -8.36 -39.27 -14.72
C ALA D 312 -7.23 -39.81 -15.63
N LYS D 313 -7.54 -40.70 -16.57
CA LYS D 313 -6.55 -41.38 -17.42
C LYS D 313 -6.07 -40.50 -18.58
N THR D 314 -6.95 -39.67 -19.15
CA THR D 314 -6.63 -38.85 -20.32
C THR D 314 -7.26 -37.47 -20.22
N ARG D 315 -6.67 -36.50 -20.93
CA ARG D 315 -7.04 -35.09 -20.91
C ARG D 315 -7.84 -34.76 -22.18
N PRO D 316 -9.04 -34.18 -22.06
CA PRO D 316 -9.82 -33.80 -23.24
C PRO D 316 -9.19 -32.64 -24.01
N VAL D 317 -9.47 -32.58 -25.30
CA VAL D 317 -9.09 -31.50 -26.23
C VAL D 317 -10.31 -31.06 -27.03
N LEU D 318 -10.32 -29.84 -27.56
CA LEU D 318 -11.47 -29.33 -28.30
C LEU D 318 -11.75 -30.19 -29.54
N GLU D 319 -12.94 -30.79 -29.60
CA GLU D 319 -13.45 -31.53 -30.75
C GLU D 319 -14.84 -31.02 -31.14
N GLY D 320 -15.14 -30.96 -32.44
CA GLY D 320 -16.40 -30.47 -32.98
C GLY D 320 -16.24 -29.64 -34.26
N SER D 321 -17.30 -28.95 -34.64
CA SER D 321 -17.37 -28.10 -35.83
C SER D 321 -16.91 -26.66 -35.55
N PHE D 322 -16.96 -25.81 -36.57
CA PHE D 322 -16.81 -24.36 -36.41
C PHE D 322 -17.93 -23.75 -35.55
N ARG D 323 -19.18 -24.22 -35.69
CA ARG D 323 -20.32 -23.72 -34.93
C ARG D 323 -20.17 -24.01 -33.45
N HIS D 324 -19.74 -25.23 -33.08
CA HIS D 324 -19.62 -25.62 -31.69
C HIS D 324 -18.58 -26.72 -31.48
N SER D 325 -17.72 -26.57 -30.49
CA SER D 325 -16.72 -27.56 -30.10
C SER D 325 -16.54 -27.58 -28.58
N VAL D 326 -16.29 -28.77 -28.04
CA VAL D 326 -16.25 -29.07 -26.59
C VAL D 326 -14.97 -29.81 -26.25
N SER D 327 -14.44 -29.64 -25.03
CA SER D 327 -13.36 -30.51 -24.53
C SER D 327 -13.91 -31.41 -23.41
N CYS D 328 -14.54 -32.51 -23.83
CA CYS D 328 -15.13 -33.51 -22.95
C CYS D 328 -15.12 -34.91 -23.58
N LEU D 329 -14.94 -35.96 -22.76
CA LEU D 329 -14.98 -37.36 -23.18
C LEU D 329 -16.41 -37.91 -23.32
N LYS D 330 -17.40 -37.32 -22.63
CA LYS D 330 -18.71 -37.93 -22.38
C LYS D 330 -19.90 -37.18 -22.99
N VAL D 331 -19.65 -36.26 -23.92
CA VAL D 331 -20.68 -35.61 -24.75
C VAL D 331 -20.14 -35.31 -26.15
N ASP D 332 -21.00 -35.31 -27.16
CA ASP D 332 -20.63 -35.24 -28.59
C ASP D 332 -21.73 -34.48 -29.39
N PRO D 333 -21.44 -33.33 -30.04
CA PRO D 333 -22.44 -32.47 -30.68
C PRO D 333 -23.11 -33.08 -31.91
#